data_6FY0
#
_entry.id   6FY0
#
_cell.length_a   40.299
_cell.length_b   104.265
_cell.length_c   212.218
_cell.angle_alpha   90.00
_cell.angle_beta   90.00
_cell.angle_gamma   90.00
#
_symmetry.space_group_name_H-M   'P 21 21 21'
#
loop_
_entity.id
_entity.type
_entity.pdbx_description
1 polymer 'CAP228-16H Heavy Chain'
2 polymer 'CAP228-16H Light Chain'
3 polymer 'CAP45 V2 peptide'
4 non-polymer 'SULFATE ION'
5 water water
#
loop_
_entity_poly.entity_id
_entity_poly.type
_entity_poly.pdbx_seq_one_letter_code
_entity_poly.pdbx_strand_id
1 'polypeptide(L)'
;EVQLVQSGAEVKKPGESLKISCKGSGYRFPSSWIGWVRQVPGKGLEWMGIIYPGDGETRYRASFQGQVTISADQSSNTAY
LQWSSLKASDTAMYYCARHGRGVREVINAFDIWGQGTMVTVSSASTKGPSVFPLAPSSKSTSGGTAALGCLVKDYFPEPV
TVSWNSGALTSGVHTFPAVLQSSGLYSLSSVVTVPSSSLGTQTYICNVNHKPSNTKVDKKVEPKSCDKGLEVLFQ
;
H,I
2 'polypeptide(L)'
;SYELTQPPSVSVAPGTTATITCGGVDIGSTLVHWYQQRPGQAPLLVIYDDSDRPSGIPERFSGSNSGNMATLTISRVEAG
DEADYYCQVWHSTSAVIFGGGTKLTVLSQPKAAPSVTLFPPSSEELQANKATLVCLISDFYPGAVTVAWKADSSPVKAGV
ETTTPSKQSNNKYAASSYLSLTPEQWKSHRSYSCQVTHEGSTVEKTVAPTECS
;
L,M
3 'polypeptide(L)' ELRDKKQKAYALFYRPDVV A,P
#
# COMPACT_ATOMS: atom_id res chain seq x y z
N GLU A 1 -12.20 -14.07 40.82
CA GLU A 1 -11.43 -13.25 39.84
C GLU A 1 -10.90 -11.99 40.51
N VAL A 2 -9.59 -11.74 40.34
CA VAL A 2 -8.99 -10.53 40.89
C VAL A 2 -9.46 -9.33 40.10
N GLN A 3 -9.84 -8.27 40.81
CA GLN A 3 -10.47 -7.12 40.15
C GLN A 3 -10.37 -5.89 41.04
N LEU A 4 -10.22 -4.73 40.39
CA LEU A 4 -10.29 -3.43 41.04
C LEU A 4 -11.39 -2.62 40.35
N VAL A 5 -12.35 -2.14 41.13
CA VAL A 5 -13.51 -1.41 40.60
C VAL A 5 -13.48 0.00 41.16
N GLN A 6 -13.44 1.00 40.28
CA GLN A 6 -13.36 2.39 40.70
C GLN A 6 -14.72 3.07 40.60
N SER A 7 -14.80 4.26 41.19
CA SER A 7 -16.06 4.99 41.28
C SER A 7 -16.34 5.74 39.98
N GLY A 8 -17.60 6.10 39.80
CA GLY A 8 -18.05 6.72 38.57
C GLY A 8 -17.36 8.03 38.27
N ALA A 9 -17.64 8.55 37.09
CA ALA A 9 -17.03 9.79 36.63
C ALA A 9 -17.47 10.96 37.51
N GLU A 10 -16.63 12.00 37.55
CA GLU A 10 -16.84 13.16 38.40
C GLU A 10 -16.68 14.43 37.58
N VAL A 11 -17.62 15.35 37.74
CA VAL A 11 -17.58 16.67 37.11
C VAL A 11 -17.71 17.69 38.24
N LYS A 12 -16.63 18.39 38.53
CA LYS A 12 -16.56 19.32 39.64
C LYS A 12 -16.14 20.69 39.12
N LYS A 13 -16.23 21.68 40.00
CA LYS A 13 -15.76 23.03 39.73
C LYS A 13 -14.52 23.35 40.55
N PRO A 14 -13.71 24.31 40.11
CA PRO A 14 -12.52 24.66 40.89
C PRO A 14 -12.87 25.05 42.31
N GLY A 15 -11.95 24.78 43.24
CA GLY A 15 -12.18 25.04 44.64
C GLY A 15 -12.96 24.00 45.39
N GLU A 16 -13.61 23.07 44.68
CA GLU A 16 -14.38 22.02 45.34
C GLU A 16 -13.46 20.89 45.80
N SER A 17 -13.99 20.05 46.68
CA SER A 17 -13.28 18.87 47.17
C SER A 17 -13.83 17.62 46.50
N LEU A 18 -13.04 16.56 46.51
CA LEU A 18 -13.44 15.32 45.86
C LEU A 18 -12.76 14.13 46.53
N LYS A 19 -13.43 12.98 46.47
CA LYS A 19 -12.86 11.75 47.02
C LYS A 19 -13.35 10.59 46.16
N ILE A 20 -12.45 10.01 45.36
CA ILE A 20 -12.77 8.87 44.51
C ILE A 20 -12.21 7.62 45.16
N SER A 21 -12.83 6.48 44.88
CA SER A 21 -12.53 5.23 45.57
C SER A 21 -12.25 4.10 44.59
N CYS A 22 -11.45 3.14 45.07
CA CYS A 22 -11.11 1.93 44.34
C CYS A 22 -11.29 0.74 45.26
N LYS A 23 -12.17 -0.18 44.89
CA LYS A 23 -12.50 -1.35 45.70
C LYS A 23 -11.86 -2.59 45.11
N GLY A 24 -11.21 -3.38 45.96
CA GLY A 24 -10.58 -4.61 45.53
C GLY A 24 -11.49 -5.81 45.76
N SER A 25 -11.35 -6.81 44.89
CA SER A 25 -12.16 -8.02 44.98
C SER A 25 -11.37 -9.20 44.46
N GLY A 26 -11.54 -10.36 45.09
CA GLY A 26 -10.91 -11.59 44.65
C GLY A 26 -9.58 -11.89 45.28
N TYR A 27 -9.09 -11.03 46.18
CA TYR A 27 -7.81 -11.26 46.82
C TYR A 27 -7.86 -10.69 48.24
N ARG A 28 -6.80 -10.97 48.99
CA ARG A 28 -6.65 -10.45 50.34
C ARG A 28 -6.21 -8.99 50.25
N PHE A 29 -7.14 -8.09 50.57
CA PHE A 29 -6.92 -6.67 50.31
C PHE A 29 -5.75 -6.07 51.09
N PRO A 30 -5.52 -6.40 52.36
CA PRO A 30 -4.47 -5.69 53.12
C PRO A 30 -3.06 -6.02 52.69
N SER A 31 -2.84 -7.13 51.99
CA SER A 31 -1.50 -7.64 51.73
C SER A 31 -0.96 -7.22 50.36
N SER A 32 -1.48 -6.14 49.78
CA SER A 32 -0.96 -5.62 48.52
C SER A 32 -1.04 -4.11 48.51
N TRP A 33 -0.01 -3.47 47.96
CA TRP A 33 -0.05 -2.03 47.75
C TRP A 33 -1.13 -1.67 46.74
N ILE A 34 -1.69 -0.48 46.88
CA ILE A 34 -2.53 0.13 45.85
C ILE A 34 -1.96 1.51 45.54
N GLY A 35 -1.63 1.74 44.27
CA GLY A 35 -1.07 2.99 43.82
C GLY A 35 -2.05 3.74 42.95
N TRP A 36 -1.92 5.07 42.92
CA TRP A 36 -2.76 5.94 42.11
C TRP A 36 -1.90 6.57 41.02
N VAL A 37 -2.42 6.57 39.80
CA VAL A 37 -1.72 7.09 38.64
C VAL A 37 -2.63 8.08 37.91
N ARG A 38 -2.08 9.23 37.55
CA ARG A 38 -2.82 10.23 36.81
C ARG A 38 -2.45 10.18 35.34
N GLN A 39 -3.42 10.42 34.47
CA GLN A 39 -3.19 10.47 33.04
C GLN A 39 -4.07 11.55 32.45
N VAL A 40 -3.47 12.66 32.04
CA VAL A 40 -4.26 13.67 31.32
C VAL A 40 -4.62 13.11 29.96
N PRO A 41 -5.87 13.31 29.48
CA PRO A 41 -6.24 12.74 28.17
C PRO A 41 -5.25 13.06 27.07
N GLY A 42 -4.70 12.03 26.44
CA GLY A 42 -3.75 12.20 25.37
C GLY A 42 -2.31 12.37 25.81
N LYS A 43 -2.03 12.22 27.09
CA LYS A 43 -0.67 12.37 27.63
C LYS A 43 -0.28 11.11 28.37
N GLY A 44 0.93 11.12 28.94
CA GLY A 44 1.47 9.93 29.55
C GLY A 44 0.99 9.71 30.97
N LEU A 45 1.35 8.54 31.49
CA LEU A 45 1.02 8.19 32.87
C LEU A 45 1.93 8.92 33.83
N GLU A 46 1.34 9.47 34.90
CA GLU A 46 2.10 10.13 35.95
C GLU A 46 1.71 9.50 37.28
N TRP A 47 2.70 9.01 38.01
CA TRP A 47 2.47 8.38 39.31
C TRP A 47 2.33 9.44 40.39
N MET A 48 1.34 9.25 41.26
CA MET A 48 1.06 10.20 42.33
C MET A 48 1.45 9.67 43.71
N GLY A 49 0.97 8.48 44.07
CA GLY A 49 1.28 7.94 45.38
C GLY A 49 0.87 6.49 45.48
N ILE A 50 1.10 5.91 46.66
CA ILE A 50 0.83 4.49 46.88
C ILE A 50 0.59 4.28 48.37
N ILE A 51 -0.22 3.27 48.69
CA ILE A 51 -0.59 2.99 50.08
C ILE A 51 -0.69 1.49 50.29
N TYR A 52 -0.10 1.01 51.39
CA TYR A 52 -0.26 -0.35 51.86
C TYR A 52 -1.31 -0.34 52.96
N PRO A 53 -2.49 -0.95 52.75
CA PRO A 53 -3.55 -0.87 53.76
C PRO A 53 -3.28 -1.70 55.00
N GLY A 54 -2.44 -2.73 54.91
CA GLY A 54 -2.18 -3.57 56.06
C GLY A 54 -1.77 -2.77 57.29
N ASP A 55 -0.81 -1.87 57.13
CA ASP A 55 -0.39 -0.96 58.19
C ASP A 55 -0.58 0.50 57.79
N GLY A 56 -1.27 0.76 56.68
CA GLY A 56 -1.60 2.12 56.28
C GLY A 56 -0.44 2.93 55.75
N GLU A 57 0.66 2.29 55.37
CA GLU A 57 1.85 3.05 55.00
C GLU A 57 1.60 3.78 53.68
N THR A 58 1.87 5.09 53.66
CA THR A 58 1.50 5.91 52.51
C THR A 58 2.72 6.70 52.04
N ARG A 59 2.96 6.67 50.73
CA ARG A 59 4.02 7.46 50.12
C ARG A 59 3.44 8.29 49.00
N TYR A 60 4.00 9.48 48.81
CA TYR A 60 3.55 10.41 47.80
C TYR A 60 4.73 10.90 46.98
N ARG A 61 4.49 11.18 45.71
CA ARG A 61 5.46 11.92 44.92
C ARG A 61 5.62 13.32 45.48
N ALA A 62 6.86 13.82 45.50
CA ALA A 62 7.14 15.08 46.18
C ALA A 62 6.28 16.22 45.65
N SER A 63 5.93 16.19 44.37
CA SER A 63 5.11 17.26 43.80
C SER A 63 3.74 17.32 44.47
N PHE A 64 3.15 16.16 44.75
CA PHE A 64 1.78 16.09 45.25
C PHE A 64 1.66 16.17 46.76
N GLN A 65 2.75 16.29 47.50
CA GLN A 65 2.65 16.41 48.95
C GLN A 65 1.83 17.65 49.29
N GLY A 66 0.75 17.45 50.05
CA GLY A 66 -0.14 18.53 50.41
C GLY A 66 -1.21 18.85 49.39
N GLN A 67 -1.16 18.25 48.19
CA GLN A 67 -2.15 18.48 47.17
C GLN A 67 -3.28 17.46 47.21
N VAL A 68 -2.96 16.21 47.59
CA VAL A 68 -3.94 15.14 47.64
C VAL A 68 -3.70 14.34 48.91
N THR A 69 -4.65 13.44 49.21
CA THR A 69 -4.53 12.53 50.34
C THR A 69 -4.96 11.15 49.88
N ILE A 70 -4.13 10.15 50.16
CA ILE A 70 -4.44 8.76 49.85
C ILE A 70 -4.75 8.06 51.15
N SER A 71 -5.80 7.25 51.15
CA SER A 71 -6.24 6.56 52.36
C SER A 71 -6.74 5.16 51.99
N ALA A 72 -7.05 4.38 53.02
CA ALA A 72 -7.55 3.03 52.81
C ALA A 72 -8.37 2.59 54.00
N ASP A 73 -9.30 1.67 53.74
CA ASP A 73 -10.20 1.13 54.74
C ASP A 73 -10.30 -0.38 54.48
N GLN A 74 -9.80 -1.17 55.44
CA GLN A 74 -9.73 -2.61 55.26
C GLN A 74 -11.10 -3.26 55.42
N SER A 75 -11.91 -2.80 56.37
CA SER A 75 -13.22 -3.38 56.57
C SER A 75 -14.09 -3.28 55.32
N SER A 76 -13.79 -2.34 54.43
CA SER A 76 -14.53 -2.18 53.18
C SER A 76 -13.67 -2.42 51.95
N ASN A 77 -12.42 -2.86 52.12
CA ASN A 77 -11.54 -3.21 51.01
C ASN A 77 -11.43 -2.08 50.00
N THR A 78 -11.27 -0.84 50.49
CA THR A 78 -11.35 0.32 49.61
C THR A 78 -10.19 1.27 49.84
N ALA A 79 -9.50 1.64 48.76
CA ALA A 79 -8.54 2.72 48.75
C ALA A 79 -9.22 3.99 48.23
N TYR A 80 -8.66 5.14 48.62
CA TYR A 80 -9.29 6.41 48.30
C TYR A 80 -8.22 7.43 47.93
N LEU A 81 -8.59 8.32 47.01
CA LEU A 81 -7.77 9.47 46.62
C LEU A 81 -8.65 10.71 46.73
N GLN A 82 -8.14 11.72 47.42
CA GLN A 82 -8.96 12.88 47.78
C GLN A 82 -8.22 14.19 47.51
N TRP A 83 -8.94 15.15 46.96
CA TRP A 83 -8.51 16.53 46.83
C TRP A 83 -9.30 17.40 47.78
N SER A 84 -8.61 18.35 48.42
CA SER A 84 -9.26 19.32 49.28
C SER A 84 -9.79 20.52 48.48
N SER A 85 -8.97 21.07 47.60
CA SER A 85 -9.36 22.21 46.76
C SER A 85 -8.96 21.92 45.33
N LEU A 86 -9.91 21.40 44.54
CA LEU A 86 -9.63 21.07 43.15
C LEU A 86 -9.30 22.31 42.34
N LYS A 87 -8.44 22.14 41.35
CA LYS A 87 -8.09 23.18 40.40
C LYS A 87 -8.17 22.62 38.99
N ALA A 88 -8.34 23.53 38.02
CA ALA A 88 -8.54 23.10 36.63
C ALA A 88 -7.49 22.11 36.18
N SER A 89 -6.24 22.32 36.58
CA SER A 89 -5.15 21.44 36.17
C SER A 89 -5.31 20.00 36.65
N ASP A 90 -6.24 19.73 37.57
CA ASP A 90 -6.46 18.38 38.06
C ASP A 90 -7.34 17.54 37.14
N THR A 91 -7.87 18.12 36.06
CA THR A 91 -8.66 17.36 35.09
C THR A 91 -7.83 16.24 34.48
N ALA A 92 -8.26 14.99 34.68
CA ALA A 92 -7.51 13.85 34.15
C ALA A 92 -8.26 12.57 34.47
N MET A 93 -7.79 11.47 33.88
CA MET A 93 -8.19 10.14 34.29
C MET A 93 -7.29 9.68 35.44
N TYR A 94 -7.86 8.90 36.36
CA TYR A 94 -7.12 8.43 37.52
C TYR A 94 -7.32 6.93 37.66
N TYR A 95 -6.22 6.19 37.71
CA TYR A 95 -6.25 4.74 37.84
C TYR A 95 -5.73 4.31 39.20
N CYS A 96 -6.35 3.27 39.76
CA CYS A 96 -5.78 2.55 40.90
C CYS A 96 -5.19 1.24 40.39
N ALA A 97 -4.12 0.79 41.02
CA ALA A 97 -3.45 -0.42 40.56
C ALA A 97 -2.82 -1.16 41.74
N ARG A 98 -2.96 -2.49 41.74
CA ARG A 98 -2.38 -3.32 42.78
C ARG A 98 -0.92 -3.63 42.48
N HIS A 99 -0.08 -3.53 43.50
CA HIS A 99 1.35 -3.77 43.37
C HIS A 99 1.81 -4.69 44.49
N GLY A 100 2.68 -5.63 44.16
CA GLY A 100 3.13 -6.61 45.12
C GLY A 100 3.90 -5.98 46.27
N ARG A 101 4.01 -6.75 47.36
CA ARG A 101 4.62 -6.29 48.60
C ARG A 101 6.09 -6.69 48.73
N GLY A 102 6.77 -6.91 47.61
CA GLY A 102 8.18 -7.22 47.65
C GLY A 102 8.50 -8.65 48.04
N VAL A 103 7.78 -9.62 47.47
CA VAL A 103 8.00 -11.03 47.76
C VAL A 103 7.85 -11.81 46.47
N ARG A 104 8.61 -12.90 46.37
CA ARG A 104 8.69 -13.64 45.10
C ARG A 104 7.39 -14.37 44.78
N GLU A 105 6.59 -14.70 45.79
CA GLU A 105 5.34 -15.41 45.57
C GLU A 105 4.28 -14.55 44.89
N VAL A 106 4.53 -13.25 44.69
CA VAL A 106 3.59 -12.35 44.05
C VAL A 106 4.32 -11.54 42.99
N ILE A 107 3.54 -10.95 42.09
CA ILE A 107 4.08 -10.09 41.05
C ILE A 107 4.35 -8.72 41.63
N ASN A 108 5.63 -8.31 41.62
CA ASN A 108 6.03 -7.03 42.21
C ASN A 108 5.96 -5.91 41.17
N ALA A 109 4.74 -5.71 40.68
CA ALA A 109 4.47 -4.69 39.68
C ALA A 109 2.97 -4.42 39.68
N PHE A 110 2.57 -3.40 38.94
CA PHE A 110 1.14 -3.06 38.82
C PHE A 110 0.48 -4.10 37.92
N ASP A 111 0.19 -5.26 38.52
CA ASP A 111 -0.35 -6.39 37.78
C ASP A 111 -1.86 -6.28 37.54
N ILE A 112 -2.57 -5.47 38.32
CA ILE A 112 -4.00 -5.28 38.16
C ILE A 112 -4.30 -3.79 38.15
N TRP A 113 -5.24 -3.38 37.29
CA TRP A 113 -5.63 -1.99 37.19
C TRP A 113 -7.15 -1.86 37.23
N GLY A 114 -7.63 -0.85 37.95
CA GLY A 114 -9.03 -0.49 37.86
C GLY A 114 -9.34 0.13 36.51
N GLN A 115 -10.64 0.27 36.21
CA GLN A 115 -11.04 0.81 34.93
C GLN A 115 -10.81 2.32 34.83
N GLY A 116 -10.55 2.99 35.93
CA GLY A 116 -10.24 4.40 35.93
C GLY A 116 -11.45 5.26 36.22
N THR A 117 -11.19 6.45 36.77
CA THR A 117 -12.21 7.43 37.09
C THR A 117 -11.82 8.74 36.43
N MET A 118 -12.71 9.28 35.59
CA MET A 118 -12.46 10.54 34.92
C MET A 118 -12.91 11.70 35.80
N VAL A 119 -12.02 12.67 36.02
CA VAL A 119 -12.29 13.83 36.86
C VAL A 119 -12.14 15.06 35.98
N THR A 120 -13.23 15.82 35.85
CA THR A 120 -13.28 17.01 34.99
C THR A 120 -13.55 18.23 35.88
N VAL A 121 -12.56 19.12 35.96
CA VAL A 121 -12.63 20.29 36.84
C VAL A 121 -12.67 21.53 35.95
N SER A 122 -13.84 22.13 35.81
CA SER A 122 -14.00 23.34 35.00
C SER A 122 -15.06 24.25 35.60
N SER A 123 -14.78 25.55 35.62
CA SER A 123 -15.77 26.56 35.98
C SER A 123 -16.48 27.11 34.76
N ALA A 124 -16.55 26.34 33.67
CA ALA A 124 -17.13 26.81 32.43
C ALA A 124 -18.64 26.63 32.44
N SER A 125 -19.35 27.63 31.92
CA SER A 125 -20.79 27.56 31.76
C SER A 125 -21.12 27.52 30.27
N THR A 126 -22.35 27.11 29.97
CA THR A 126 -22.78 26.95 28.59
C THR A 126 -22.57 28.21 27.78
N LYS A 127 -21.89 28.08 26.64
CA LYS A 127 -21.62 29.21 25.77
C LYS A 127 -21.67 28.73 24.32
N GLY A 128 -22.11 29.61 23.44
CA GLY A 128 -22.18 29.32 22.03
C GLY A 128 -20.86 29.56 21.33
N PRO A 129 -20.63 28.88 20.21
CA PRO A 129 -19.38 29.06 19.48
C PRO A 129 -19.32 30.38 18.73
N SER A 130 -18.11 30.72 18.32
CA SER A 130 -17.86 31.78 17.35
C SER A 130 -17.24 31.13 16.11
N VAL A 131 -17.84 31.36 14.95
CA VAL A 131 -17.41 30.72 13.71
C VAL A 131 -16.63 31.72 12.87
N PHE A 132 -15.37 31.41 12.60
CA PHE A 132 -14.52 32.28 11.81
C PHE A 132 -14.12 31.59 10.51
N PRO A 133 -14.03 32.31 9.39
CA PRO A 133 -13.69 31.67 8.13
C PRO A 133 -12.20 31.56 7.89
N LEU A 134 -11.69 30.33 7.73
CA LEU A 134 -10.31 30.11 7.33
C LEU A 134 -10.31 30.08 5.81
N ALA A 135 -10.03 31.24 5.21
CA ALA A 135 -10.15 31.39 3.77
C ALA A 135 -8.96 30.78 3.04
N PRO A 136 -9.18 30.21 1.86
CA PRO A 136 -8.06 29.66 1.10
C PRO A 136 -7.23 30.78 0.48
N SER A 137 -5.91 30.61 0.53
CA SER A 137 -4.98 31.64 0.08
C SER A 137 -4.30 31.21 -1.22
N SER A 138 -3.51 32.13 -1.77
CA SER A 138 -2.75 31.82 -2.98
C SER A 138 -1.57 30.91 -2.65
N LYS A 139 -1.05 30.98 -1.43
CA LYS A 139 0.01 30.07 -1.01
C LYS A 139 -0.54 28.67 -0.75
N SER A 140 -1.80 28.57 -0.36
CA SER A 140 -2.40 27.27 -0.03
C SER A 140 -2.48 26.37 -1.26
N THR A 141 -2.82 26.93 -2.41
CA THR A 141 -3.04 26.12 -3.61
C THR A 141 -1.76 25.39 -4.00
N SER A 142 -1.89 24.08 -4.20
CA SER A 142 -0.78 23.25 -4.67
C SER A 142 -1.35 22.11 -5.50
N GLY A 143 -0.92 22.00 -6.75
CA GLY A 143 -1.45 20.97 -7.62
C GLY A 143 -2.94 21.09 -7.84
N GLY A 144 -3.44 22.31 -7.95
CA GLY A 144 -4.85 22.55 -8.18
C GLY A 144 -5.75 22.30 -6.99
N THR A 145 -5.19 22.06 -5.81
CA THR A 145 -5.96 21.76 -4.61
C THR A 145 -5.77 22.86 -3.58
N ALA A 146 -6.87 23.35 -3.02
CA ALA A 146 -6.85 24.41 -2.02
C ALA A 146 -7.59 23.93 -0.78
N ALA A 147 -7.11 24.37 0.38
CA ALA A 147 -7.70 24.01 1.66
C ALA A 147 -8.43 25.23 2.23
N LEU A 148 -9.66 25.02 2.68
CA LEU A 148 -10.42 26.08 3.33
C LEU A 148 -11.20 25.48 4.48
N GLY A 149 -11.62 26.31 5.42
CA GLY A 149 -12.29 25.75 6.57
C GLY A 149 -13.00 26.76 7.42
N CYS A 150 -13.45 26.27 8.57
CA CYS A 150 -14.13 27.09 9.57
C CYS A 150 -13.57 26.77 10.95
N LEU A 151 -13.41 27.80 11.76
CA LEU A 151 -12.91 27.70 13.12
C LEU A 151 -14.09 27.92 14.07
N VAL A 152 -14.46 26.89 14.82
CA VAL A 152 -15.51 26.97 15.83
C VAL A 152 -14.79 27.16 17.16
N LYS A 153 -14.76 28.39 17.65
CA LYS A 153 -13.90 28.79 18.76
C LYS A 153 -14.74 29.19 19.97
N ASP A 154 -14.30 28.78 21.16
CA ASP A 154 -14.86 29.26 22.42
C ASP A 154 -16.33 28.89 22.54
N TYR A 155 -16.56 27.59 22.69
CA TYR A 155 -17.87 27.03 22.91
C TYR A 155 -17.80 26.03 24.06
N PHE A 156 -18.93 25.89 24.78
CA PHE A 156 -18.99 24.94 25.87
C PHE A 156 -20.44 24.61 26.13
N PRO A 157 -20.80 23.34 26.40
CA PRO A 157 -19.92 22.17 26.39
C PRO A 157 -19.87 21.53 25.00
N GLU A 158 -19.28 20.35 24.90
CA GLU A 158 -19.38 19.56 23.68
C GLU A 158 -20.75 18.91 23.58
N PRO A 159 -21.12 18.41 22.38
CA PRO A 159 -20.43 18.49 21.10
C PRO A 159 -21.03 19.53 20.17
N VAL A 160 -20.29 19.92 19.13
CA VAL A 160 -20.83 20.73 18.05
C VAL A 160 -20.79 19.90 16.78
N THR A 161 -21.77 20.12 15.91
CA THR A 161 -21.84 19.47 14.61
C THR A 161 -21.51 20.47 13.52
N VAL A 162 -20.80 20.03 12.49
CA VAL A 162 -20.45 20.87 11.36
C VAL A 162 -20.74 20.12 10.07
N SER A 163 -21.32 20.83 9.12
CA SER A 163 -21.55 20.32 7.77
C SER A 163 -21.12 21.38 6.77
N TRP A 164 -21.18 21.05 5.49
CA TRP A 164 -20.80 21.98 4.44
C TRP A 164 -21.85 21.97 3.34
N ASN A 165 -22.36 23.16 3.01
CA ASN A 165 -23.39 23.31 1.98
C ASN A 165 -24.61 22.44 2.31
N SER A 166 -25.04 22.50 3.56
CA SER A 166 -26.22 21.78 4.04
C SER A 166 -26.11 20.29 3.76
N GLY A 167 -24.90 19.74 3.92
CA GLY A 167 -24.67 18.33 3.79
C GLY A 167 -24.41 17.84 2.37
N ALA A 168 -24.36 18.74 1.39
CA ALA A 168 -24.10 18.32 0.01
C ALA A 168 -22.65 17.89 -0.18
N LEU A 169 -21.71 18.64 0.40
CA LEU A 169 -20.29 18.40 0.19
C LEU A 169 -19.76 17.45 1.27
N THR A 170 -19.41 16.23 0.85
CA THR A 170 -18.82 15.23 1.74
C THR A 170 -17.35 14.96 1.46
N SER A 171 -16.95 14.90 0.20
CA SER A 171 -15.58 14.52 -0.13
C SER A 171 -14.59 15.59 0.34
N GLY A 172 -13.43 15.14 0.80
CA GLY A 172 -12.41 16.05 1.28
C GLY A 172 -12.74 16.76 2.57
N VAL A 173 -13.85 16.43 3.21
CA VAL A 173 -14.26 17.08 4.46
C VAL A 173 -13.71 16.30 5.64
N HIS A 174 -13.02 16.99 6.54
CA HIS A 174 -12.53 16.40 7.78
C HIS A 174 -12.74 17.38 8.92
N THR A 175 -13.42 16.93 9.97
CA THR A 175 -13.68 17.72 11.16
C THR A 175 -12.84 17.19 12.31
N PHE A 176 -11.96 18.04 12.85
CA PHE A 176 -11.02 17.61 13.87
C PHE A 176 -11.68 17.55 15.24
N PRO A 177 -11.19 16.68 16.13
CA PRO A 177 -11.66 16.69 17.51
C PRO A 177 -11.44 18.05 18.15
N ALA A 178 -12.15 18.29 19.25
CA ALA A 178 -12.09 19.57 19.92
C ALA A 178 -10.89 19.65 20.87
N VAL A 179 -10.36 20.85 21.04
CA VAL A 179 -9.28 21.13 21.98
C VAL A 179 -9.84 21.96 23.14
N LEU A 180 -9.36 21.69 24.35
CA LEU A 180 -9.76 22.42 25.55
C LEU A 180 -8.74 23.53 25.80
N GLN A 181 -9.10 24.77 25.45
CA GLN A 181 -8.24 25.91 25.71
C GLN A 181 -8.11 26.15 27.20
N SER A 182 -7.19 27.05 27.57
CA SER A 182 -6.97 27.39 28.97
C SER A 182 -8.20 28.03 29.60
N SER A 183 -9.05 28.66 28.81
CA SER A 183 -10.26 29.30 29.32
C SER A 183 -11.36 28.31 29.69
N GLY A 184 -11.12 27.02 29.55
CA GLY A 184 -12.16 26.02 29.75
C GLY A 184 -13.13 25.91 28.60
N LEU A 185 -12.99 26.71 27.57
CA LEU A 185 -13.86 26.67 26.40
C LEU A 185 -13.24 25.77 25.33
N TYR A 186 -14.12 25.17 24.52
CA TYR A 186 -13.70 24.25 23.48
C TYR A 186 -13.55 24.97 22.13
N SER A 187 -12.64 24.44 21.32
CA SER A 187 -12.44 24.94 19.97
C SER A 187 -12.09 23.78 19.05
N LEU A 188 -12.58 23.86 17.82
CA LEU A 188 -12.25 22.86 16.80
C LEU A 188 -12.29 23.55 15.45
N SER A 189 -11.94 22.78 14.41
CA SER A 189 -11.96 23.29 13.04
C SER A 189 -12.49 22.22 12.11
N SER A 190 -13.17 22.66 11.05
CA SER A 190 -13.59 21.78 9.97
C SER A 190 -12.89 22.25 8.70
N VAL A 191 -12.33 21.31 7.95
CA VAL A 191 -11.54 21.63 6.77
C VAL A 191 -12.08 20.86 5.57
N VAL A 192 -11.92 21.47 4.40
CA VAL A 192 -12.28 20.83 3.14
C VAL A 192 -11.21 21.19 2.12
N THR A 193 -10.78 20.17 1.36
CA THR A 193 -9.84 20.33 0.25
C THR A 193 -10.62 20.25 -1.05
N VAL A 194 -10.47 21.26 -1.90
CA VAL A 194 -11.30 21.38 -3.10
C VAL A 194 -10.43 21.81 -4.28
N PRO A 195 -10.87 21.52 -5.49
CA PRO A 195 -10.18 22.04 -6.68
C PRO A 195 -10.04 23.56 -6.62
N SER A 196 -8.81 24.03 -6.77
CA SER A 196 -8.55 25.47 -6.69
C SER A 196 -9.31 26.23 -7.78
N SER A 197 -9.52 25.61 -8.94
CA SER A 197 -10.24 26.29 -10.02
C SER A 197 -11.70 26.53 -9.67
N SER A 198 -12.22 25.85 -8.65
CA SER A 198 -13.61 25.99 -8.26
C SER A 198 -13.85 27.15 -7.31
N LEU A 199 -12.79 27.80 -6.83
CA LEU A 199 -12.96 28.91 -5.89
C LEU A 199 -13.75 30.05 -6.52
N GLY A 200 -13.69 30.19 -7.84
CA GLY A 200 -14.43 31.22 -8.53
C GLY A 200 -15.90 30.91 -8.73
N THR A 201 -16.21 29.66 -9.06
CA THR A 201 -17.57 29.26 -9.39
C THR A 201 -18.34 28.76 -8.17
N GLN A 202 -17.74 27.87 -7.39
CA GLN A 202 -18.42 27.22 -6.27
C GLN A 202 -18.34 28.09 -5.02
N THR A 203 -19.44 28.18 -4.30
CA THR A 203 -19.50 28.86 -3.02
C THR A 203 -19.50 27.84 -1.89
N TYR A 204 -18.73 28.12 -0.85
CA TYR A 204 -18.55 27.19 0.25
C TYR A 204 -19.06 27.82 1.55
N ILE A 205 -19.91 27.08 2.25
CA ILE A 205 -20.51 27.54 3.50
C ILE A 205 -20.45 26.40 4.50
N CYS A 206 -20.00 26.71 5.71
CA CYS A 206 -20.00 25.75 6.80
C CYS A 206 -21.18 26.02 7.72
N ASN A 207 -21.88 24.96 8.08
CA ASN A 207 -23.08 25.03 8.92
C ASN A 207 -22.70 24.43 10.27
N VAL A 208 -22.67 25.26 11.30
CA VAL A 208 -22.27 24.88 12.65
C VAL A 208 -23.51 24.88 13.53
N ASN A 209 -23.68 23.81 14.29
CA ASN A 209 -24.82 23.66 15.19
C ASN A 209 -24.30 23.22 16.56
N HIS A 210 -24.52 24.06 17.56
CA HIS A 210 -24.22 23.75 18.96
C HIS A 210 -25.57 23.66 19.66
N LYS A 211 -26.06 22.44 19.83
CA LYS A 211 -27.40 22.23 20.39
C LYS A 211 -27.46 22.63 21.85
N PRO A 212 -26.49 22.26 22.69
CA PRO A 212 -26.56 22.66 24.10
C PRO A 212 -26.91 24.13 24.31
N SER A 213 -26.38 25.03 23.48
CA SER A 213 -26.66 26.45 23.58
C SER A 213 -27.72 26.93 22.59
N ASN A 214 -28.26 26.05 21.75
CA ASN A 214 -29.25 26.43 20.74
C ASN A 214 -28.67 27.45 19.76
N THR A 215 -27.50 27.13 19.21
CA THR A 215 -26.78 28.02 18.31
C THR A 215 -26.68 27.39 16.93
N LYS A 216 -27.10 28.15 15.92
CA LYS A 216 -27.02 27.75 14.52
C LYS A 216 -26.38 28.87 13.72
N VAL A 217 -25.21 28.59 13.13
CA VAL A 217 -24.47 29.59 12.38
C VAL A 217 -24.18 29.01 11.00
N ASP A 218 -24.25 29.87 9.97
CA ASP A 218 -23.89 29.49 8.61
C ASP A 218 -22.90 30.52 8.09
N LYS A 219 -21.65 30.10 7.93
CA LYS A 219 -20.56 31.02 7.59
C LYS A 219 -20.02 30.72 6.21
N LYS A 220 -19.93 31.75 5.38
CA LYS A 220 -19.38 31.62 4.03
C LYS A 220 -17.87 31.80 4.07
N VAL A 221 -17.16 30.91 3.38
CA VAL A 221 -15.70 30.94 3.30
C VAL A 221 -15.35 31.25 1.84
N GLU A 222 -14.64 32.34 1.63
CA GLU A 222 -14.32 32.79 0.27
C GLU A 222 -12.91 33.33 0.21
N PRO A 223 -12.32 33.39 -0.99
CA PRO A 223 -10.95 33.90 -1.13
C PRO A 223 -10.82 35.35 -0.70
N LYS A 224 -9.64 35.70 -0.19
CA LYS A 224 -9.36 37.07 0.19
C LYS A 224 -8.95 37.88 -1.03
N SER A 225 -9.15 39.19 -0.96
CA SER A 225 -8.88 40.08 -2.09
C SER A 225 -7.42 40.57 -2.00
N CYS A 226 -6.51 39.66 -2.32
CA CYS A 226 -5.08 39.97 -2.27
C CYS A 226 -4.35 39.38 -3.47
N TYR B 2 14.83 12.38 38.17
CA TYR B 2 15.11 11.17 37.41
C TYR B 2 14.02 10.91 36.38
N GLU B 3 14.40 10.87 35.11
CA GLU B 3 13.47 10.65 34.02
C GLU B 3 13.79 9.34 33.32
N LEU B 4 12.76 8.75 32.72
CA LEU B 4 12.91 7.61 31.83
C LEU B 4 12.58 8.06 30.42
N THR B 5 13.51 7.83 29.49
CA THR B 5 13.43 8.37 28.14
C THR B 5 12.96 7.28 27.18
N GLN B 6 11.78 7.48 26.60
CA GLN B 6 11.25 6.62 25.55
C GLN B 6 11.11 7.41 24.26
N PRO B 7 11.14 6.75 23.11
CA PRO B 7 10.84 7.43 21.85
C PRO B 7 9.36 7.66 21.71
N PRO B 8 8.93 8.87 21.31
CA PRO B 8 7.48 9.11 21.21
C PRO B 8 6.75 8.10 20.35
N SER B 9 7.35 7.65 19.26
CA SER B 9 6.68 6.77 18.32
C SER B 9 7.69 5.80 17.72
N VAL B 10 7.20 4.60 17.42
CA VAL B 10 8.00 3.57 16.75
C VAL B 10 7.09 2.81 15.81
N SER B 11 7.58 2.53 14.60
CA SER B 11 6.82 1.81 13.58
C SER B 11 7.66 0.67 13.02
N VAL B 12 7.03 -0.48 12.85
CA VAL B 12 7.67 -1.67 12.31
C VAL B 12 6.69 -2.40 11.41
N ALA B 13 7.23 -3.35 10.61
CA ALA B 13 6.43 -4.11 9.67
C ALA B 13 5.85 -5.35 10.36
N PRO B 14 4.69 -5.84 9.91
CA PRO B 14 4.13 -7.07 10.49
C PRO B 14 5.09 -8.24 10.33
N GLY B 15 5.06 -9.14 11.31
CA GLY B 15 5.89 -10.32 11.29
C GLY B 15 7.35 -10.09 11.62
N THR B 16 7.77 -8.84 11.78
CA THR B 16 9.13 -8.51 12.15
C THR B 16 9.18 -8.25 13.65
N THR B 17 10.31 -7.73 14.13
CA THR B 17 10.54 -7.53 15.56
C THR B 17 10.42 -6.05 15.88
N ALA B 18 9.54 -5.73 16.82
CA ALA B 18 9.42 -4.37 17.33
C ALA B 18 10.27 -4.22 18.58
N THR B 19 11.00 -3.11 18.67
CA THR B 19 11.80 -2.82 19.85
C THR B 19 11.52 -1.40 20.32
N ILE B 20 11.18 -1.26 21.59
CA ILE B 20 10.95 0.02 22.23
C ILE B 20 11.97 0.16 23.35
N THR B 21 12.64 1.31 23.42
CA THR B 21 13.75 1.51 24.32
C THR B 21 13.40 2.53 25.41
N CYS B 22 13.84 2.23 26.64
CA CYS B 22 13.61 3.06 27.81
C CYS B 22 14.95 3.42 28.42
N GLY B 23 15.27 4.70 28.47
CA GLY B 23 16.58 5.16 28.91
C GLY B 23 16.53 5.80 30.28
N GLY B 24 17.47 5.41 31.13
CA GLY B 24 17.53 5.95 32.48
C GLY B 24 18.92 5.78 33.07
N VAL B 25 19.28 6.68 33.97
CA VAL B 25 20.59 6.69 34.60
C VAL B 25 20.80 5.39 35.36
N ASP B 26 21.66 4.52 34.84
CA ASP B 26 21.96 3.26 35.51
C ASP B 26 20.70 2.43 35.74
N ILE B 27 19.75 2.52 34.80
CA ILE B 27 18.50 1.78 34.93
C ILE B 27 18.75 0.28 35.05
N GLY B 28 19.90 -0.20 34.58
CA GLY B 28 20.22 -1.62 34.67
C GLY B 28 20.36 -2.13 36.08
N SER B 29 20.40 -1.25 37.09
CA SER B 29 20.57 -1.67 38.47
C SER B 29 19.25 -2.06 39.14
N THR B 30 18.12 -1.62 38.60
CA THR B 30 16.82 -1.93 39.17
C THR B 30 16.00 -2.73 38.16
N LEU B 31 14.77 -3.07 38.57
CA LEU B 31 13.87 -3.85 37.73
C LEU B 31 12.97 -2.93 36.91
N VAL B 32 12.72 -3.33 35.67
CA VAL B 32 11.93 -2.54 34.73
C VAL B 32 10.66 -3.32 34.38
N HIS B 33 9.53 -2.61 34.35
CA HIS B 33 8.25 -3.19 33.98
C HIS B 33 7.71 -2.46 32.75
N TRP B 34 6.89 -3.16 31.97
CA TRP B 34 6.31 -2.64 30.73
C TRP B 34 4.82 -2.89 30.72
N TYR B 35 4.06 -1.83 30.40
CA TYR B 35 2.61 -1.83 30.34
C TYR B 35 2.13 -1.45 28.94
N GLN B 36 1.08 -2.14 28.48
CA GLN B 36 0.43 -1.86 27.22
C GLN B 36 -0.90 -1.16 27.49
N GLN B 37 -1.16 -0.06 26.80
CA GLN B 37 -2.41 0.67 26.95
C GLN B 37 -3.01 0.92 25.57
N ARG B 38 -4.25 0.57 25.42
CA ARG B 38 -5.01 0.82 24.21
C ARG B 38 -5.95 2.00 24.42
N PRO B 39 -6.30 2.72 23.36
CA PRO B 39 -7.18 3.88 23.52
C PRO B 39 -8.46 3.51 24.27
N GLY B 40 -8.74 4.27 25.32
CA GLY B 40 -9.95 4.07 26.11
C GLY B 40 -9.91 2.89 27.05
N GLN B 41 -8.72 2.42 27.45
CA GLN B 41 -8.62 1.25 28.29
C GLN B 41 -7.49 1.43 29.30
N ALA B 42 -7.62 0.74 30.43
CA ALA B 42 -6.62 0.83 31.47
C ALA B 42 -5.36 0.08 31.05
N PRO B 43 -4.19 0.47 31.56
CA PRO B 43 -2.97 -0.23 31.20
C PRO B 43 -3.04 -1.72 31.55
N LEU B 44 -2.17 -2.48 30.89
CA LEU B 44 -2.08 -3.93 31.09
C LEU B 44 -0.63 -4.29 31.25
N LEU B 45 -0.27 -4.89 32.38
CA LEU B 45 1.10 -5.33 32.59
C LEU B 45 1.43 -6.42 31.57
N VAL B 46 2.41 -6.14 30.70
CA VAL B 46 2.85 -7.12 29.73
C VAL B 46 4.20 -7.75 30.12
N ILE B 47 5.09 -7.00 30.77
CA ILE B 47 6.34 -7.60 31.25
C ILE B 47 6.68 -7.02 32.62
N TYR B 48 7.14 -7.86 33.52
CA TYR B 48 7.59 -7.40 34.83
C TYR B 48 8.93 -8.04 35.18
N ASP B 49 9.63 -7.39 36.10
CA ASP B 49 10.96 -7.83 36.53
C ASP B 49 11.85 -8.10 35.32
N ASP B 50 11.93 -7.09 34.44
CA ASP B 50 12.77 -7.11 33.24
C ASP B 50 12.20 -7.98 32.12
N SER B 51 12.06 -9.28 32.35
CA SER B 51 11.71 -10.20 31.28
C SER B 51 10.55 -11.15 31.56
N ASP B 52 9.95 -11.11 32.75
CA ASP B 52 8.89 -12.05 33.07
C ASP B 52 7.61 -11.69 32.35
N ARG B 53 6.88 -12.74 31.89
CA ARG B 53 5.58 -12.58 31.24
C ARG B 53 4.46 -12.97 32.19
N PRO B 54 3.44 -12.13 32.39
CA PRO B 54 2.22 -12.62 33.05
C PRO B 54 1.62 -13.78 32.28
N SER B 55 0.82 -14.58 33.00
CA SER B 55 0.34 -15.85 32.46
C SER B 55 -0.34 -15.67 31.11
N GLY B 56 -1.17 -14.64 30.96
CA GLY B 56 -1.96 -14.48 29.75
C GLY B 56 -1.20 -13.92 28.56
N ILE B 57 -0.04 -13.33 28.77
CA ILE B 57 0.69 -12.67 27.69
C ILE B 57 1.30 -13.72 26.77
N PRO B 58 1.30 -13.52 25.45
CA PRO B 58 1.92 -14.50 24.56
C PRO B 58 3.44 -14.41 24.57
N GLU B 59 4.07 -15.51 24.15
CA GLU B 59 5.52 -15.62 24.20
C GLU B 59 6.23 -14.62 23.30
N ARG B 60 5.50 -13.90 22.44
CA ARG B 60 6.12 -12.94 21.55
C ARG B 60 6.70 -11.74 22.29
N PHE B 61 6.21 -11.45 23.50
CA PHE B 61 6.72 -10.33 24.29
C PHE B 61 7.88 -10.77 25.16
N SER B 62 8.92 -9.94 25.19
CA SER B 62 10.06 -10.19 26.06
C SER B 62 10.72 -8.87 26.38
N GLY B 63 11.57 -8.90 27.42
CA GLY B 63 12.19 -7.67 27.91
C GLY B 63 13.66 -7.89 28.20
N SER B 64 14.38 -6.77 28.25
CA SER B 64 15.79 -6.77 28.57
C SER B 64 16.11 -5.50 29.33
N ASN B 65 17.21 -5.52 30.07
CA ASN B 65 17.61 -4.37 30.86
C ASN B 65 19.09 -4.48 31.17
N SER B 66 19.81 -3.36 31.05
CA SER B 66 21.25 -3.36 31.24
C SER B 66 21.80 -1.95 31.12
N GLY B 67 22.92 -1.67 31.80
CA GLY B 67 23.56 -0.38 31.71
C GLY B 67 22.61 0.78 31.92
N ASN B 68 22.42 1.59 30.87
CA ASN B 68 21.52 2.74 30.92
C ASN B 68 20.37 2.57 29.93
N MET B 69 19.92 1.33 29.72
CA MET B 69 18.98 1.03 28.65
C MET B 69 18.19 -0.22 28.98
N ALA B 70 16.85 -0.09 28.93
CA ALA B 70 15.94 -1.22 28.96
C ALA B 70 15.21 -1.30 27.63
N THR B 71 14.68 -2.49 27.32
CA THR B 71 14.09 -2.73 26.01
C THR B 71 12.90 -3.67 26.12
N LEU B 72 11.85 -3.35 25.37
CA LEU B 72 10.71 -4.23 25.16
C LEU B 72 10.75 -4.71 23.72
N THR B 73 10.61 -6.02 23.53
CA THR B 73 10.74 -6.63 22.21
C THR B 73 9.51 -7.48 21.94
N ILE B 74 8.87 -7.22 20.81
CA ILE B 74 7.71 -8.00 20.36
C ILE B 74 8.13 -8.70 19.08
N SER B 75 8.30 -10.01 19.14
CA SER B 75 8.68 -10.78 17.98
C SER B 75 7.45 -11.13 17.15
N ARG B 76 7.63 -11.21 15.84
CA ARG B 76 6.54 -11.53 14.93
C ARG B 76 5.34 -10.65 15.23
N VAL B 77 5.59 -9.33 15.26
CA VAL B 77 4.58 -8.39 15.71
C VAL B 77 3.32 -8.52 14.88
N GLU B 78 2.17 -8.46 15.55
CA GLU B 78 0.87 -8.58 14.92
C GLU B 78 0.17 -7.22 14.95
N ALA B 79 -0.80 -7.06 14.05
CA ALA B 79 -1.56 -5.81 14.01
C ALA B 79 -2.19 -5.50 15.36
N GLY B 80 -2.73 -6.51 16.04
CA GLY B 80 -3.36 -6.31 17.33
C GLY B 80 -2.43 -5.73 18.39
N ASP B 81 -1.12 -5.78 18.17
CA ASP B 81 -0.19 -5.32 19.19
C ASP B 81 0.01 -3.82 19.18
N GLU B 82 -0.42 -3.10 18.14
CA GLU B 82 -0.23 -1.66 18.12
C GLU B 82 -1.00 -0.99 19.24
N ALA B 83 -0.29 -0.16 20.02
CA ALA B 83 -0.84 0.50 21.19
C ALA B 83 0.23 1.40 21.81
N ASP B 84 -0.10 2.11 22.88
CA ASP B 84 0.89 2.84 23.63
C ASP B 84 1.59 1.92 24.62
N TYR B 85 2.89 2.11 24.80
CA TYR B 85 3.68 1.28 25.69
C TYR B 85 4.48 2.14 26.65
N TYR B 86 4.46 1.78 27.93
CA TYR B 86 5.15 2.55 28.96
C TYR B 86 6.11 1.64 29.73
N CYS B 87 7.34 2.13 29.93
CA CYS B 87 8.25 1.53 30.89
C CYS B 87 8.07 2.19 32.24
N GLN B 88 8.43 1.47 33.29
CA GLN B 88 8.23 1.94 34.67
C GLN B 88 9.25 1.29 35.58
N VAL B 89 9.75 2.07 36.55
CA VAL B 89 10.66 1.58 37.57
C VAL B 89 10.30 2.21 38.91
N TRP B 90 10.88 1.64 39.97
CA TRP B 90 10.80 2.19 41.32
C TRP B 90 12.20 2.71 41.67
N HIS B 91 12.41 4.01 41.46
CA HIS B 91 13.74 4.59 41.60
C HIS B 91 14.10 4.79 43.07
N SER B 92 13.41 5.69 43.75
CA SER B 92 13.61 5.97 45.17
C SER B 92 12.40 5.48 45.95
N THR B 93 12.49 5.57 47.28
CA THR B 93 11.41 5.06 48.12
C THR B 93 10.09 5.76 47.81
N SER B 94 10.13 7.08 47.61
CA SER B 94 8.95 7.88 47.39
C SER B 94 8.70 8.19 45.91
N ALA B 95 9.48 7.63 45.00
CA ALA B 95 9.38 7.98 43.58
C ALA B 95 9.28 6.72 42.72
N VAL B 96 8.08 6.48 42.17
CA VAL B 96 7.87 5.51 41.10
C VAL B 96 7.75 6.30 39.81
N ILE B 97 8.51 5.91 38.79
CA ILE B 97 8.69 6.73 37.60
C ILE B 97 8.29 5.94 36.37
N PHE B 98 7.37 6.53 35.59
CA PHE B 98 6.98 6.03 34.28
C PHE B 98 7.77 6.73 33.19
N GLY B 99 7.92 6.04 32.05
CA GLY B 99 8.47 6.67 30.86
C GLY B 99 7.43 7.51 30.14
N GLY B 100 7.92 8.34 29.21
CA GLY B 100 7.06 9.23 28.46
C GLY B 100 6.02 8.53 27.63
N GLY B 101 6.19 7.24 27.37
CA GLY B 101 5.27 6.50 26.52
C GLY B 101 5.73 6.47 25.07
N THR B 102 5.38 5.38 24.38
CA THR B 102 5.74 5.19 22.99
C THR B 102 4.53 4.65 22.25
N LYS B 103 4.21 5.27 21.11
CA LYS B 103 3.13 4.78 20.25
C LYS B 103 3.73 3.79 19.25
N LEU B 104 3.25 2.55 19.32
CA LEU B 104 3.71 1.50 18.42
C LEU B 104 2.70 1.34 17.29
N THR B 105 3.16 1.53 16.06
CA THR B 105 2.36 1.29 14.87
C THR B 105 2.89 0.07 14.14
N VAL B 106 1.99 -0.80 13.73
CA VAL B 106 2.32 -1.95 12.89
C VAL B 106 1.88 -1.59 11.48
N LEU B 107 2.85 -1.37 10.59
CA LEU B 107 2.58 -0.75 9.30
C LEU B 107 1.53 -1.53 8.52
N SER B 108 0.44 -0.84 8.17
CA SER B 108 -0.60 -1.37 7.31
C SER B 108 -0.65 -0.67 5.96
N GLN B 109 0.22 0.32 5.74
CA GLN B 109 0.29 1.01 4.46
C GLN B 109 1.65 1.69 4.37
N PRO B 110 2.06 2.08 3.16
CA PRO B 110 3.35 2.78 3.03
C PRO B 110 3.34 4.09 3.80
N LYS B 111 4.53 4.49 4.24
CA LYS B 111 4.66 5.74 4.98
C LYS B 111 4.30 6.92 4.09
N ALA B 112 3.69 7.93 4.70
CA ALA B 112 3.28 9.14 3.99
C ALA B 112 3.69 10.36 4.80
N ALA B 113 4.36 11.30 4.15
CA ALA B 113 4.75 12.53 4.81
C ALA B 113 3.55 13.47 4.90
N PRO B 114 3.46 14.28 5.94
CA PRO B 114 2.30 15.16 6.11
C PRO B 114 2.33 16.37 5.19
N SER B 115 1.13 16.79 4.78
CA SER B 115 0.94 18.07 4.12
C SER B 115 0.34 19.05 5.12
N VAL B 116 0.86 20.28 5.11
CA VAL B 116 0.58 21.27 6.14
C VAL B 116 -0.05 22.50 5.50
N THR B 117 -1.05 23.05 6.18
CA THR B 117 -1.68 24.31 5.78
C THR B 117 -1.81 25.20 7.00
N LEU B 118 -1.28 26.42 6.91
CA LEU B 118 -1.26 27.35 8.03
C LEU B 118 -2.17 28.53 7.70
N PHE B 119 -3.22 28.71 8.50
CA PHE B 119 -4.18 29.79 8.33
C PHE B 119 -3.92 30.89 9.35
N PRO B 120 -3.78 32.14 8.90
CA PRO B 120 -3.63 33.26 9.84
C PRO B 120 -4.97 33.74 10.33
N PRO B 121 -5.00 34.68 11.28
CA PRO B 121 -6.29 35.17 11.77
C PRO B 121 -7.04 35.96 10.72
N SER B 122 -8.36 35.78 10.69
CA SER B 122 -9.23 36.52 9.81
C SER B 122 -9.53 37.90 10.42
N SER B 123 -9.94 38.83 9.56
CA SER B 123 -10.30 40.16 10.04
C SER B 123 -11.32 40.08 11.16
N GLU B 124 -12.28 39.17 11.03
CA GLU B 124 -13.33 39.04 12.05
C GLU B 124 -12.73 38.70 13.40
N GLU B 125 -11.86 37.69 13.44
CA GLU B 125 -11.27 37.27 14.71
C GLU B 125 -10.38 38.38 15.28
N LEU B 126 -9.64 39.08 14.42
CA LEU B 126 -8.86 40.22 14.88
C LEU B 126 -9.74 41.24 15.59
N GLN B 127 -10.90 41.55 14.99
CA GLN B 127 -11.80 42.52 15.59
C GLN B 127 -12.27 42.12 16.98
N ALA B 128 -12.42 40.82 17.24
CA ALA B 128 -12.91 40.36 18.54
C ALA B 128 -11.82 40.28 19.61
N ASN B 129 -10.63 40.82 19.33
CA ASN B 129 -9.55 40.95 20.31
C ASN B 129 -8.92 39.61 20.67
N LYS B 130 -9.10 38.61 19.81
CA LYS B 130 -8.38 37.35 19.91
C LYS B 130 -7.88 37.00 18.52
N ALA B 131 -6.88 36.13 18.47
CA ALA B 131 -6.33 35.69 17.20
C ALA B 131 -5.89 34.25 17.35
N THR B 132 -6.05 33.46 16.29
CA THR B 132 -5.68 32.05 16.33
C THR B 132 -5.03 31.67 15.01
N LEU B 133 -3.80 31.17 15.10
CA LEU B 133 -3.12 30.58 13.96
C LEU B 133 -3.46 29.10 13.94
N VAL B 134 -3.95 28.61 12.80
CA VAL B 134 -4.46 27.26 12.69
C VAL B 134 -3.52 26.47 11.79
N CYS B 135 -2.84 25.48 12.34
CA CYS B 135 -1.96 24.60 11.57
C CYS B 135 -2.69 23.28 11.38
N LEU B 136 -2.89 22.90 10.13
CA LEU B 136 -3.66 21.72 9.76
C LEU B 136 -2.75 20.74 9.06
N ILE B 137 -2.76 19.49 9.53
CA ILE B 137 -1.82 18.47 9.10
C ILE B 137 -2.64 17.30 8.56
N SER B 138 -2.34 16.87 7.34
CA SER B 138 -3.15 15.86 6.70
C SER B 138 -2.30 14.88 5.92
N ASP B 139 -2.83 13.67 5.76
CA ASP B 139 -2.24 12.68 4.84
C ASP B 139 -0.86 12.25 5.30
N PHE B 140 -0.78 11.64 6.48
CA PHE B 140 0.50 11.12 6.97
C PHE B 140 0.26 9.79 7.68
N TYR B 141 1.27 8.92 7.61
CA TYR B 141 1.23 7.63 8.28
C TYR B 141 2.67 7.29 8.62
N PRO B 142 2.95 6.79 9.84
CA PRO B 142 2.02 6.50 10.94
C PRO B 142 1.40 7.75 11.55
N GLY B 143 0.37 7.56 12.37
CA GLY B 143 -0.37 8.66 12.97
C GLY B 143 0.30 9.22 14.20
N ALA B 144 1.47 9.84 14.03
CA ALA B 144 2.18 10.48 15.12
C ALA B 144 3.00 11.63 14.57
N VAL B 145 2.82 12.82 15.15
CA VAL B 145 3.55 14.01 14.73
C VAL B 145 3.88 14.87 15.95
N THR B 146 4.91 15.69 15.80
CA THR B 146 5.33 16.64 16.83
C THR B 146 5.24 18.05 16.25
N VAL B 147 4.44 18.89 16.87
CA VAL B 147 4.25 20.26 16.40
C VAL B 147 5.09 21.20 17.25
N ALA B 148 5.71 22.19 16.59
CA ALA B 148 6.49 23.20 17.28
C ALA B 148 6.20 24.55 16.62
N TRP B 149 5.79 25.52 17.44
CA TRP B 149 5.50 26.86 16.96
C TRP B 149 6.69 27.77 17.19
N LYS B 150 7.00 28.57 16.17
CA LYS B 150 8.14 29.48 16.21
C LYS B 150 7.65 30.91 16.05
N ALA B 151 8.18 31.80 16.87
CA ALA B 151 8.05 33.24 16.69
C ALA B 151 9.42 33.74 16.26
N ASP B 152 9.59 33.92 14.95
CA ASP B 152 10.84 34.41 14.38
C ASP B 152 12.01 33.53 14.82
N SER B 153 11.84 32.22 14.67
CA SER B 153 12.81 31.19 14.99
C SER B 153 12.94 30.95 16.49
N SER B 154 12.16 31.63 17.33
CA SER B 154 12.20 31.40 18.77
C SER B 154 11.10 30.45 19.16
N PRO B 155 11.38 29.29 19.74
CA PRO B 155 10.30 28.35 20.08
C PRO B 155 9.37 28.97 21.10
N VAL B 156 8.06 28.75 20.90
CA VAL B 156 7.05 29.23 21.82
C VAL B 156 6.09 28.09 22.13
N LYS B 157 5.76 27.94 23.41
CA LYS B 157 4.92 26.84 23.87
C LYS B 157 3.65 27.31 24.56
N ALA B 158 3.54 28.59 24.92
CA ALA B 158 2.35 29.07 25.61
C ALA B 158 1.21 29.25 24.61
N GLY B 159 -0.01 28.99 25.08
CA GLY B 159 -1.19 29.16 24.26
C GLY B 159 -1.20 28.25 23.05
N VAL B 160 -0.64 27.05 23.18
CA VAL B 160 -0.61 26.06 22.11
C VAL B 160 -1.50 24.90 22.51
N GLU B 161 -2.35 24.47 21.59
CA GLU B 161 -3.23 23.33 21.82
C GLU B 161 -3.20 22.45 20.59
N THR B 162 -2.68 21.23 20.72
CA THR B 162 -2.51 20.33 19.58
C THR B 162 -3.43 19.13 19.71
N THR B 163 -4.06 18.77 18.60
CA THR B 163 -4.99 17.65 18.56
C THR B 163 -4.26 16.32 18.53
N THR B 164 -4.93 15.29 19.01
CA THR B 164 -4.44 13.93 18.85
C THR B 164 -4.71 13.46 17.42
N PRO B 165 -3.73 12.89 16.73
CA PRO B 165 -3.96 12.49 15.33
C PRO B 165 -5.19 11.63 15.16
N SER B 166 -5.95 11.91 14.10
CA SER B 166 -7.14 11.16 13.75
C SER B 166 -7.07 10.79 12.28
N LYS B 167 -7.71 9.68 11.94
CA LYS B 167 -7.62 9.10 10.60
C LYS B 167 -8.64 9.75 9.66
N GLN B 168 -8.41 9.57 8.36
CA GLN B 168 -9.23 10.17 7.32
C GLN B 168 -9.99 9.08 6.55
N SER B 169 -10.74 9.51 5.54
CA SER B 169 -11.46 8.57 4.69
C SER B 169 -10.50 7.68 3.91
N ASN B 170 -9.38 8.24 3.45
CA ASN B 170 -8.39 7.46 2.71
C ASN B 170 -7.45 6.70 3.64
N ASN B 171 -7.82 6.58 4.92
CA ASN B 171 -7.09 5.78 5.90
C ASN B 171 -5.69 6.32 6.18
N LYS B 172 -5.49 7.63 5.99
CA LYS B 172 -4.31 8.32 6.49
C LYS B 172 -4.71 9.22 7.64
N TYR B 173 -3.72 9.77 8.33
CA TYR B 173 -3.96 10.50 9.56
C TYR B 173 -3.96 12.01 9.36
N ALA B 174 -4.67 12.70 10.25
CA ALA B 174 -4.78 14.15 10.26
C ALA B 174 -4.67 14.64 11.69
N ALA B 175 -4.41 15.94 11.83
CA ALA B 175 -4.25 16.56 13.14
C ALA B 175 -4.30 18.08 12.96
N SER B 176 -4.42 18.78 14.08
CA SER B 176 -4.48 20.23 14.06
C SER B 176 -3.80 20.78 15.30
N SER B 177 -3.21 21.97 15.16
CA SER B 177 -2.54 22.66 16.25
C SER B 177 -2.90 24.13 16.19
N TYR B 178 -3.38 24.66 17.30
CA TYR B 178 -3.83 26.04 17.38
C TYR B 178 -2.87 26.83 18.25
N LEU B 179 -2.41 27.97 17.74
CA LEU B 179 -1.61 28.91 18.51
C LEU B 179 -2.46 30.15 18.72
N SER B 180 -2.89 30.38 19.96
CA SER B 180 -3.71 31.53 20.29
C SER B 180 -2.82 32.71 20.66
N LEU B 181 -3.04 33.84 20.02
CA LEU B 181 -2.25 35.05 20.22
C LEU B 181 -3.17 36.25 20.33
N THR B 182 -2.63 37.32 20.91
CA THR B 182 -3.30 38.60 21.00
C THR B 182 -3.04 39.42 19.73
N PRO B 183 -4.00 40.20 19.25
CA PRO B 183 -3.71 41.07 18.10
C PRO B 183 -2.45 41.91 18.30
N GLU B 184 -2.22 42.39 19.52
CA GLU B 184 -1.02 43.14 19.81
C GLU B 184 0.22 42.36 19.39
N GLN B 185 0.28 41.07 19.76
CA GLN B 185 1.42 40.24 19.38
C GLN B 185 1.47 40.00 17.88
N TRP B 186 0.31 39.71 17.27
CA TRP B 186 0.28 39.41 15.84
C TRP B 186 0.78 40.57 15.02
N LYS B 187 0.46 41.81 15.42
CA LYS B 187 0.94 42.96 14.68
C LYS B 187 2.36 43.36 15.08
N SER B 188 2.71 43.19 16.36
CA SER B 188 4.01 43.62 16.85
C SER B 188 5.14 42.67 16.46
N HIS B 189 4.82 41.41 16.15
CA HIS B 189 5.83 40.45 15.73
C HIS B 189 5.88 40.37 14.21
N ARG B 190 6.95 39.73 13.74
CA ARG B 190 7.32 39.75 12.34
C ARG B 190 6.70 38.61 11.54
N SER B 191 6.67 37.42 12.12
CA SER B 191 6.10 36.26 11.44
C SER B 191 5.99 35.13 12.46
N TYR B 192 5.05 34.23 12.21
CA TYR B 192 4.87 33.04 13.04
C TYR B 192 4.95 31.82 12.14
N SER B 193 5.30 30.68 12.73
CA SER B 193 5.59 29.50 11.92
C SER B 193 5.17 28.23 12.64
N CYS B 194 4.68 27.28 11.86
CA CYS B 194 4.32 25.95 12.34
C CYS B 194 5.31 24.96 11.74
N GLN B 195 5.92 24.14 12.59
CA GLN B 195 6.94 23.17 12.20
C GLN B 195 6.44 21.79 12.64
N VAL B 196 6.15 20.93 11.66
CA VAL B 196 5.59 19.60 11.93
C VAL B 196 6.69 18.58 11.68
N THR B 197 6.96 17.75 12.68
CA THR B 197 7.95 16.69 12.59
C THR B 197 7.24 15.34 12.55
N HIS B 198 7.71 14.49 11.64
CA HIS B 198 7.09 13.20 11.39
C HIS B 198 8.17 12.26 10.88
N GLU B 199 8.38 11.15 11.58
CA GLU B 199 9.36 10.13 11.19
C GLU B 199 10.72 10.75 10.92
N GLY B 200 11.07 11.80 11.67
CA GLY B 200 12.37 12.44 11.58
C GLY B 200 12.44 13.61 10.61
N SER B 201 11.53 13.71 9.66
CA SER B 201 11.52 14.84 8.73
C SER B 201 10.65 15.96 9.29
N THR B 202 10.84 17.17 8.76
CA THR B 202 10.07 18.32 9.22
C THR B 202 9.60 19.16 8.03
N VAL B 203 8.40 19.71 8.18
CA VAL B 203 7.80 20.62 7.22
C VAL B 203 7.42 21.89 7.98
N GLU B 204 7.93 23.03 7.52
CA GLU B 204 7.71 24.31 8.17
C GLU B 204 6.97 25.26 7.24
N LYS B 205 5.97 25.96 7.79
CA LYS B 205 5.23 26.95 7.03
C LYS B 205 4.99 28.18 7.88
N THR B 206 5.19 29.35 7.29
CA THR B 206 5.19 30.62 8.01
C THR B 206 4.11 31.55 7.46
N VAL B 207 3.61 32.41 8.34
CA VAL B 207 2.67 33.46 7.96
C VAL B 207 3.11 34.78 8.59
N ALA B 208 2.67 35.87 7.97
CA ALA B 208 2.97 37.22 8.40
C ALA B 208 1.71 38.06 8.32
N PRO B 209 1.64 39.17 9.06
CA PRO B 209 0.48 40.07 8.91
C PRO B 209 0.55 40.87 7.62
N THR B 210 0.25 40.24 6.49
CA THR B 210 0.34 40.92 5.20
C THR B 210 -0.63 42.10 5.16
N GLU B 211 -0.11 43.26 4.74
CA GLU B 211 -0.91 44.48 4.63
C GLU B 211 -1.69 44.44 3.32
N CYS B 212 -2.92 43.95 3.40
CA CYS B 212 -3.78 43.81 2.22
C CYS B 212 -5.20 44.27 2.53
N TYR C 2 -1.17 -20.71 -44.86
CA TYR C 2 0.26 -20.56 -45.14
C TYR C 2 0.98 -20.03 -43.90
N GLU C 3 1.96 -20.79 -43.41
CA GLU C 3 2.70 -20.44 -42.22
C GLU C 3 4.16 -20.15 -42.53
N LEU C 4 4.77 -19.31 -41.69
CA LEU C 4 6.20 -19.11 -41.66
C LEU C 4 6.72 -19.68 -40.34
N THR C 5 7.69 -20.57 -40.42
CA THR C 5 8.13 -21.36 -39.27
C THR C 5 9.44 -20.79 -38.73
N GLN C 6 9.40 -20.27 -37.51
CA GLN C 6 10.59 -19.83 -36.80
C GLN C 6 10.81 -20.67 -35.56
N PRO C 7 12.05 -20.79 -35.08
CA PRO C 7 12.29 -21.48 -33.81
C PRO C 7 11.87 -20.62 -32.64
N PRO C 8 11.16 -21.20 -31.66
CA PRO C 8 10.69 -20.37 -30.53
C PRO C 8 11.79 -19.58 -29.83
N SER C 9 12.97 -20.17 -29.65
CA SER C 9 14.02 -19.51 -28.88
C SER C 9 15.38 -19.87 -29.44
N VAL C 10 16.31 -18.92 -29.34
CA VAL C 10 17.70 -19.12 -29.72
C VAL C 10 18.58 -18.36 -28.74
N SER C 11 19.65 -19.00 -28.29
CA SER C 11 20.60 -18.39 -27.37
C SER C 11 22.01 -18.64 -27.89
N VAL C 12 22.84 -17.60 -27.84
CA VAL C 12 24.22 -17.66 -28.30
C VAL C 12 25.08 -16.86 -27.33
N ALA C 13 26.40 -17.07 -27.44
CA ALA C 13 27.33 -16.38 -26.54
C ALA C 13 27.68 -15.00 -27.08
N PRO C 14 28.01 -14.06 -26.20
CA PRO C 14 28.39 -12.72 -26.68
C PRO C 14 29.58 -12.78 -27.63
N GLY C 15 29.59 -11.85 -28.58
CA GLY C 15 30.68 -11.75 -29.53
C GLY C 15 30.67 -12.77 -30.64
N THR C 16 29.75 -13.73 -30.62
CA THR C 16 29.64 -14.72 -31.68
C THR C 16 28.51 -14.32 -32.63
N THR C 17 28.18 -15.23 -33.55
CA THR C 17 27.20 -14.95 -34.60
C THR C 17 25.90 -15.68 -34.29
N ALA C 18 24.80 -14.93 -34.24
CA ALA C 18 23.47 -15.49 -34.08
C ALA C 18 22.81 -15.66 -35.44
N THR C 19 22.13 -16.78 -35.63
CA THR C 19 21.38 -17.03 -36.86
C THR C 19 19.96 -17.48 -36.49
N ILE C 20 18.97 -16.79 -37.06
CA ILE C 20 17.56 -17.12 -36.86
C ILE C 20 16.98 -17.51 -38.22
N THR C 21 16.23 -18.60 -38.25
CA THR C 21 15.74 -19.17 -39.49
C THR C 21 14.23 -19.08 -39.60
N CYS C 22 13.76 -18.75 -40.80
CA CYS C 22 12.34 -18.61 -41.10
C CYS C 22 12.00 -19.54 -42.26
N GLY C 23 11.12 -20.51 -42.01
CA GLY C 23 10.83 -21.56 -42.98
C GLY C 23 9.45 -21.39 -43.59
N GLY C 24 9.39 -21.54 -44.91
CA GLY C 24 8.14 -21.43 -45.63
C GLY C 24 8.21 -22.12 -46.98
N VAL C 25 7.05 -22.57 -47.47
CA VAL C 25 6.98 -23.26 -48.75
C VAL C 25 7.44 -22.32 -49.86
N ASP C 26 8.60 -22.58 -50.43
CA ASP C 26 9.14 -21.79 -51.54
C ASP C 26 9.28 -20.32 -51.17
N ILE C 27 9.61 -20.04 -49.91
CA ILE C 27 9.77 -18.67 -49.44
C ILE C 27 10.84 -17.93 -50.25
N GLY C 28 11.76 -18.66 -50.88
CA GLY C 28 12.80 -18.04 -51.68
C GLY C 28 12.31 -17.29 -52.89
N SER C 29 11.03 -17.44 -53.25
CA SER C 29 10.48 -16.77 -54.43
C SER C 29 10.03 -15.34 -54.16
N THR C 30 9.80 -14.97 -52.91
CA THR C 30 9.35 -13.63 -52.54
C THR C 30 10.39 -12.98 -51.63
N LEU C 31 10.10 -11.74 -51.23
CA LEU C 31 11.02 -10.98 -50.38
C LEU C 31 10.68 -11.18 -48.91
N VAL C 32 11.72 -11.25 -48.08
CA VAL C 32 11.58 -11.51 -46.66
C VAL C 32 12.06 -10.29 -45.90
N HIS C 33 11.30 -9.90 -44.88
CA HIS C 33 11.66 -8.80 -44.00
C HIS C 33 11.79 -9.32 -42.57
N TRP C 34 12.62 -8.64 -41.79
CA TRP C 34 12.91 -9.01 -40.41
C TRP C 34 12.75 -7.77 -39.54
N TYR C 35 11.99 -7.93 -38.45
CA TYR C 35 11.70 -6.89 -37.49
C TYR C 35 12.18 -7.30 -36.11
N GLN C 36 12.73 -6.33 -35.37
CA GLN C 36 13.18 -6.51 -33.99
C GLN C 36 12.18 -5.85 -33.05
N GLN C 37 11.79 -6.57 -32.01
CA GLN C 37 10.85 -6.07 -31.01
C GLN C 37 11.42 -6.27 -29.61
N ARG C 38 11.43 -5.23 -28.85
CA ARG C 38 11.83 -5.31 -27.46
C ARG C 38 10.61 -5.26 -26.55
N PRO C 39 10.67 -5.90 -25.38
CA PRO C 39 9.52 -5.88 -24.47
C PRO C 39 9.01 -4.47 -24.22
N GLY C 40 7.71 -4.27 -24.42
CA GLY C 40 7.09 -2.99 -24.17
C GLY C 40 7.36 -1.94 -25.22
N GLN C 41 7.79 -2.35 -26.41
CA GLN C 41 8.12 -1.41 -27.47
C GLN C 41 7.69 -1.96 -28.82
N ALA C 42 7.43 -1.06 -29.76
CA ALA C 42 6.97 -1.46 -31.06
C ALA C 42 8.09 -2.11 -31.87
N PRO C 43 7.75 -3.00 -32.81
CA PRO C 43 8.79 -3.61 -33.65
C PRO C 43 9.61 -2.57 -34.40
N LEU C 44 10.78 -3.00 -34.83
CA LEU C 44 11.72 -2.14 -35.56
C LEU C 44 12.22 -2.90 -36.78
N LEU C 45 12.01 -2.33 -37.96
CA LEU C 45 12.52 -2.95 -39.16
C LEU C 45 14.04 -2.98 -39.11
N VAL C 46 14.61 -4.19 -39.12
CA VAL C 46 16.06 -4.33 -39.17
C VAL C 46 16.53 -4.77 -40.55
N ILE C 47 15.75 -5.57 -41.28
CA ILE C 47 16.13 -5.96 -42.63
C ILE C 47 14.90 -6.02 -43.51
N TYR C 48 15.03 -5.53 -44.74
CA TYR C 48 13.96 -5.61 -45.72
C TYR C 48 14.52 -6.09 -47.06
N ASP C 49 13.63 -6.61 -47.89
CA ASP C 49 13.99 -7.14 -49.20
C ASP C 49 15.18 -8.10 -49.08
N ASP C 50 15.04 -9.07 -48.19
CA ASP C 50 16.02 -10.13 -47.96
C ASP C 50 17.24 -9.65 -47.18
N SER C 51 18.00 -8.69 -47.72
CA SER C 51 19.28 -8.32 -47.13
C SER C 51 19.50 -6.83 -46.90
N ASP C 52 18.55 -5.97 -47.27
CA ASP C 52 18.76 -4.54 -47.13
C ASP C 52 18.68 -4.11 -45.67
N ARG C 53 19.57 -3.18 -45.29
CA ARG C 53 19.55 -2.59 -43.96
C ARG C 53 19.00 -1.16 -44.03
N PRO C 54 18.00 -0.81 -43.24
CA PRO C 54 17.66 0.60 -43.08
C PRO C 54 18.86 1.39 -42.55
N SER C 55 18.83 2.70 -42.80
CA SER C 55 20.00 3.54 -42.55
C SER C 55 20.52 3.39 -41.14
N GLY C 56 19.63 3.33 -40.14
CA GLY C 56 20.07 3.33 -38.76
C GLY C 56 20.60 1.99 -38.25
N ILE C 57 20.32 0.91 -38.96
CA ILE C 57 20.69 -0.42 -38.45
C ILE C 57 22.19 -0.61 -38.59
N PRO C 58 22.86 -1.27 -37.63
CA PRO C 58 24.30 -1.48 -37.76
C PRO C 58 24.64 -2.57 -38.77
N GLU C 59 25.87 -2.50 -39.28
CA GLU C 59 26.32 -3.43 -40.31
C GLU C 59 26.38 -4.87 -39.81
N ARG C 60 26.24 -5.09 -38.51
CA ARG C 60 26.27 -6.44 -37.96
C ARG C 60 25.08 -7.28 -38.40
N PHE C 61 23.98 -6.63 -38.79
CA PHE C 61 22.79 -7.34 -39.23
C PHE C 61 22.84 -7.61 -40.72
N SER C 62 22.44 -8.82 -41.12
CA SER C 62 22.35 -9.14 -42.54
C SER C 62 21.31 -10.24 -42.71
N GLY C 63 20.86 -10.41 -43.96
CA GLY C 63 19.80 -11.35 -44.25
C GLY C 63 20.12 -12.18 -45.48
N SER C 64 19.46 -13.32 -45.56
CA SER C 64 19.59 -14.23 -46.69
C SER C 64 18.26 -14.91 -46.91
N ASN C 65 18.04 -15.40 -48.13
CA ASN C 65 16.79 -16.05 -48.46
C ASN C 65 16.98 -16.94 -49.68
N SER C 66 16.41 -18.14 -49.63
CA SER C 66 16.55 -19.09 -50.72
C SER C 66 15.74 -20.36 -50.45
N GLY C 67 15.32 -21.06 -51.51
CA GLY C 67 14.58 -22.29 -51.37
C GLY C 67 13.40 -22.18 -50.42
N ASN C 68 13.45 -22.91 -49.29
CA ASN C 68 12.41 -22.90 -48.28
C ASN C 68 12.92 -22.33 -46.96
N MET C 69 13.85 -21.37 -47.03
CA MET C 69 14.56 -20.94 -45.83
C MET C 69 15.07 -19.52 -46.01
N ALA C 70 14.73 -18.65 -45.06
CA ALA C 70 15.33 -17.34 -44.90
C ALA C 70 16.11 -17.30 -43.60
N THR C 71 17.05 -16.37 -43.52
CA THR C 71 17.97 -16.33 -42.40
C THR C 71 18.29 -14.89 -42.03
N LEU C 72 18.29 -14.62 -40.73
CA LEU C 72 18.78 -13.38 -40.15
C LEU C 72 20.08 -13.68 -39.42
N THR C 73 21.11 -12.88 -39.66
CA THR C 73 22.43 -13.12 -39.12
C THR C 73 22.92 -11.87 -38.41
N ILE C 74 23.29 -12.02 -37.14
CA ILE C 74 23.84 -10.93 -36.34
C ILE C 74 25.26 -11.32 -35.97
N SER C 75 26.24 -10.63 -36.54
CA SER C 75 27.64 -10.86 -36.25
C SER C 75 28.07 -10.07 -35.01
N ARG C 76 29.00 -10.64 -34.27
CA ARG C 76 29.52 -10.02 -33.04
C ARG C 76 28.37 -9.57 -32.15
N VAL C 77 27.49 -10.52 -31.82
CA VAL C 77 26.26 -10.19 -31.13
C VAL C 77 26.56 -9.46 -29.82
N GLU C 78 25.79 -8.41 -29.56
CA GLU C 78 25.92 -7.60 -28.36
C GLU C 78 24.71 -7.79 -27.46
N ALA C 79 24.87 -7.45 -26.18
CA ALA C 79 23.78 -7.56 -25.23
C ALA C 79 22.55 -6.80 -25.72
N GLY C 80 22.76 -5.62 -26.30
CA GLY C 80 21.65 -4.83 -26.81
C GLY C 80 20.81 -5.54 -27.85
N ASP C 81 21.32 -6.65 -28.41
CA ASP C 81 20.60 -7.38 -29.45
C ASP C 81 19.52 -8.30 -28.89
N GLU C 82 19.46 -8.50 -27.58
CA GLU C 82 18.43 -9.37 -27.00
C GLU C 82 17.05 -8.83 -27.36
N ALA C 83 16.23 -9.70 -27.97
CA ALA C 83 14.90 -9.22 -28.36
C ALA C 83 14.16 -10.35 -29.05
N ASP C 84 12.89 -10.09 -29.37
CA ASP C 84 12.13 -10.97 -30.24
C ASP C 84 12.35 -10.55 -31.68
N TYR C 85 12.42 -11.52 -32.58
CA TYR C 85 12.67 -11.24 -33.99
C TYR C 85 11.61 -11.96 -34.81
N TYR C 86 11.02 -11.25 -35.77
CA TYR C 86 9.95 -11.78 -36.59
C TYR C 86 10.33 -11.65 -38.06
N CYS C 87 10.15 -12.74 -38.82
CA CYS C 87 10.18 -12.68 -40.26
C CYS C 87 8.78 -12.40 -40.79
N GLN C 88 8.73 -11.81 -41.98
CA GLN C 88 7.46 -11.39 -42.56
C GLN C 88 7.57 -11.37 -44.07
N VAL C 89 6.50 -11.80 -44.75
CA VAL C 89 6.40 -11.73 -46.20
C VAL C 89 4.99 -11.30 -46.59
N TRP C 90 4.86 -10.94 -47.86
CA TRP C 90 3.57 -10.65 -48.48
C TRP C 90 3.28 -11.80 -49.43
N HIS C 91 2.50 -12.78 -48.97
CA HIS C 91 2.30 -14.01 -49.70
C HIS C 91 1.37 -13.81 -50.89
N SER C 92 0.09 -13.58 -50.62
CA SER C 92 -0.90 -13.29 -51.65
C SER C 92 -1.37 -11.85 -51.50
N THR C 93 -2.25 -11.41 -52.40
CA THR C 93 -2.69 -10.03 -52.37
C THR C 93 -3.31 -9.68 -51.02
N SER C 94 -4.12 -10.57 -50.46
CA SER C 94 -4.85 -10.29 -49.22
C SER C 94 -4.18 -10.87 -47.97
N ALA C 95 -2.99 -11.46 -48.08
CA ALA C 95 -2.37 -12.13 -46.94
C ALA C 95 -0.93 -11.65 -46.75
N VAL C 96 -0.71 -10.88 -45.68
CA VAL C 96 0.63 -10.58 -45.18
C VAL C 96 0.86 -11.45 -43.96
N ILE C 97 1.98 -12.17 -43.92
CA ILE C 97 2.19 -13.22 -42.95
C ILE C 97 3.47 -12.95 -42.18
N PHE C 98 3.34 -12.94 -40.86
CA PHE C 98 4.49 -12.89 -39.95
C PHE C 98 4.87 -14.29 -39.53
N GLY C 99 6.14 -14.47 -39.17
CA GLY C 99 6.57 -15.71 -38.57
C GLY C 99 6.21 -15.76 -37.10
N GLY C 100 6.30 -16.96 -36.54
CA GLY C 100 5.94 -17.15 -35.15
C GLY C 100 6.78 -16.33 -34.18
N GLY C 101 7.94 -15.87 -34.61
CA GLY C 101 8.82 -15.12 -33.73
C GLY C 101 9.84 -16.00 -33.04
N THR C 102 11.02 -15.42 -32.79
CA THR C 102 12.12 -16.11 -32.12
C THR C 102 12.70 -15.19 -31.07
N LYS C 103 12.89 -15.70 -29.85
CA LYS C 103 13.50 -14.92 -28.79
C LYS C 103 15.01 -15.12 -28.82
N LEU C 104 15.75 -14.02 -29.01
CA LEU C 104 17.20 -14.04 -28.99
C LEU C 104 17.67 -13.55 -27.62
N THR C 105 18.40 -14.44 -26.92
CA THR C 105 19.06 -14.13 -25.66
C THR C 105 20.57 -14.15 -25.88
N VAL C 106 21.25 -13.17 -25.33
CA VAL C 106 22.71 -13.10 -25.32
C VAL C 106 23.15 -13.49 -23.91
N LEU C 107 23.78 -14.65 -23.79
CA LEU C 107 24.00 -15.25 -22.48
C LEU C 107 24.79 -14.32 -21.57
N SER C 108 24.18 -13.95 -20.45
CA SER C 108 24.82 -13.16 -19.41
C SER C 108 25.06 -13.95 -18.13
N GLN C 109 24.67 -15.21 -18.08
CA GLN C 109 24.87 -16.06 -16.92
C GLN C 109 24.80 -17.51 -17.35
N PRO C 110 25.32 -18.44 -16.54
CA PRO C 110 25.25 -19.85 -16.93
C PRO C 110 23.82 -20.35 -17.07
N LYS C 111 23.64 -21.32 -17.96
CA LYS C 111 22.33 -21.91 -18.18
C LYS C 111 21.85 -22.65 -16.94
N ALA C 112 20.54 -22.59 -16.70
CA ALA C 112 19.92 -23.24 -15.55
C ALA C 112 18.67 -23.97 -16.02
N ALA C 113 18.57 -25.24 -15.66
CA ALA C 113 17.39 -26.02 -16.00
C ALA C 113 16.24 -25.68 -15.06
N PRO C 114 15.00 -25.75 -15.54
CA PRO C 114 13.87 -25.36 -14.70
C PRO C 114 13.53 -26.42 -13.67
N SER C 115 13.08 -25.95 -12.52
CA SER C 115 12.48 -26.79 -11.49
C SER C 115 10.98 -26.61 -11.51
N VAL C 116 10.25 -27.71 -11.37
CA VAL C 116 8.80 -27.74 -11.58
C VAL C 116 8.11 -28.22 -10.32
N THR C 117 6.97 -27.60 -10.00
CA THR C 117 6.11 -28.05 -8.92
C THR C 117 4.68 -28.06 -9.43
N LEU C 118 4.02 -29.20 -9.37
CA LEU C 118 2.67 -29.36 -9.89
C LEU C 118 1.71 -29.66 -8.75
N PHE C 119 0.76 -28.74 -8.52
CA PHE C 119 -0.27 -28.88 -7.48
C PHE C 119 -1.61 -29.25 -8.11
N PRO C 120 -2.28 -30.27 -7.59
CA PRO C 120 -3.60 -30.64 -8.11
C PRO C 120 -4.69 -29.77 -7.49
N PRO C 121 -5.94 -29.92 -7.94
CA PRO C 121 -7.02 -29.11 -7.37
C PRO C 121 -7.27 -29.45 -5.91
N SER C 122 -7.60 -28.43 -5.12
CA SER C 122 -7.89 -28.62 -3.71
C SER C 122 -9.31 -29.16 -3.52
N SER C 123 -9.52 -29.79 -2.35
CA SER C 123 -10.85 -30.29 -2.01
C SER C 123 -11.89 -29.17 -2.07
N GLU C 124 -11.53 -27.99 -1.59
CA GLU C 124 -12.47 -26.87 -1.55
C GLU C 124 -12.94 -26.50 -2.94
N GLU C 125 -11.99 -26.33 -3.88
CA GLU C 125 -12.36 -25.89 -5.22
C GLU C 125 -13.22 -26.94 -5.92
N LEU C 126 -12.86 -28.22 -5.77
CA LEU C 126 -13.70 -29.28 -6.32
C LEU C 126 -15.10 -29.23 -5.74
N GLN C 127 -15.21 -29.08 -4.42
CA GLN C 127 -16.52 -28.98 -3.78
C GLN C 127 -17.29 -27.77 -4.32
N ALA C 128 -16.58 -26.72 -4.71
CA ALA C 128 -17.17 -25.53 -5.30
C ALA C 128 -17.41 -25.68 -6.80
N ASN C 129 -17.28 -26.90 -7.34
CA ASN C 129 -17.62 -27.23 -8.72
C ASN C 129 -16.62 -26.68 -9.74
N LYS C 130 -15.39 -26.40 -9.32
CA LYS C 130 -14.32 -26.02 -10.24
C LYS C 130 -13.05 -26.78 -9.88
N ALA C 131 -12.10 -26.79 -10.83
CA ALA C 131 -10.81 -27.43 -10.60
C ALA C 131 -9.72 -26.65 -11.33
N THR C 132 -8.55 -26.57 -10.72
CA THR C 132 -7.41 -25.86 -11.31
C THR C 132 -6.12 -26.60 -10.99
N LEU C 133 -5.40 -27.00 -12.03
CA LEU C 133 -4.05 -27.55 -11.91
C LEU C 133 -3.04 -26.43 -12.00
N VAL C 134 -2.14 -26.34 -11.02
CA VAL C 134 -1.19 -25.24 -10.92
C VAL C 134 0.21 -25.78 -11.17
N CYS C 135 0.84 -25.37 -12.28
CA CYS C 135 2.21 -25.74 -12.59
C CYS C 135 3.08 -24.51 -12.38
N LEU C 136 4.09 -24.63 -11.53
CA LEU C 136 4.97 -23.53 -11.19
C LEU C 136 6.40 -23.88 -11.59
N ILE C 137 7.03 -23.00 -12.36
CA ILE C 137 8.32 -23.26 -12.98
C ILE C 137 9.27 -22.17 -12.52
N SER C 138 10.43 -22.56 -11.98
CA SER C 138 11.33 -21.59 -11.37
C SER C 138 12.78 -21.95 -11.65
N ASP C 139 13.63 -20.92 -11.61
CA ASP C 139 15.08 -21.10 -11.61
C ASP C 139 15.57 -21.67 -12.93
N PHE C 140 15.38 -20.93 -14.02
CA PHE C 140 15.86 -21.35 -15.33
C PHE C 140 16.37 -20.14 -16.09
N TYR C 141 17.37 -20.39 -16.95
CA TYR C 141 17.94 -19.38 -17.82
C TYR C 141 18.43 -20.11 -19.07
N PRO C 142 18.18 -19.58 -20.28
CA PRO C 142 17.46 -18.33 -20.61
C PRO C 142 15.97 -18.35 -20.24
N GLY C 143 15.34 -17.18 -20.28
CA GLY C 143 13.95 -17.06 -19.91
C GLY C 143 12.99 -17.42 -21.02
N ALA C 144 12.98 -18.69 -21.41
CA ALA C 144 12.06 -19.17 -22.42
C ALA C 144 11.78 -20.64 -22.17
N VAL C 145 10.50 -21.00 -22.07
CA VAL C 145 10.09 -22.38 -21.84
C VAL C 145 8.81 -22.63 -22.63
N THR C 146 8.57 -23.91 -22.91
CA THR C 146 7.35 -24.34 -23.59
C THR C 146 6.61 -25.29 -22.66
N VAL C 147 5.38 -24.93 -22.31
CA VAL C 147 4.58 -25.71 -21.38
C VAL C 147 3.58 -26.53 -22.17
N ALA C 148 3.40 -27.79 -21.77
CA ALA C 148 2.45 -28.68 -22.40
C ALA C 148 1.75 -29.50 -21.32
N TRP C 149 0.42 -29.49 -21.34
CA TRP C 149 -0.36 -30.24 -20.38
C TRP C 149 -0.79 -31.56 -21.00
N LYS C 150 -0.66 -32.63 -20.22
CA LYS C 150 -0.97 -33.98 -20.65
C LYS C 150 -2.03 -34.57 -19.74
N ALA C 151 -3.02 -35.22 -20.34
CA ALA C 151 -3.97 -36.07 -19.63
C ALA C 151 -3.59 -37.51 -19.96
N ASP C 152 -2.83 -38.14 -19.08
CA ASP C 152 -2.41 -39.53 -19.26
C ASP C 152 -1.70 -39.72 -20.60
N SER C 153 -0.75 -38.84 -20.87
CA SER C 153 0.08 -38.83 -22.08
C SER C 153 -0.68 -38.28 -23.28
N SER C 154 -1.94 -37.85 -23.12
CA SER C 154 -2.70 -37.29 -24.23
C SER C 154 -2.63 -35.77 -24.17
N PRO C 155 -2.12 -35.08 -25.19
CA PRO C 155 -2.00 -33.61 -25.08
C PRO C 155 -3.36 -32.94 -24.93
N VAL C 156 -3.40 -31.93 -24.07
CA VAL C 156 -4.60 -31.13 -23.84
C VAL C 156 -4.23 -29.66 -23.95
N LYS C 157 -5.08 -28.89 -24.64
CA LYS C 157 -4.79 -27.49 -24.92
C LYS C 157 -5.82 -26.52 -24.39
N ALA C 158 -7.01 -26.98 -24.00
CA ALA C 158 -8.08 -26.09 -23.57
C ALA C 158 -7.89 -25.63 -22.12
N GLY C 159 -8.35 -24.41 -21.86
CA GLY C 159 -8.33 -23.88 -20.50
C GLY C 159 -6.95 -23.68 -19.90
N VAL C 160 -5.98 -23.25 -20.71
CA VAL C 160 -4.62 -23.04 -20.25
C VAL C 160 -4.34 -21.54 -20.21
N GLU C 161 -3.71 -21.10 -19.11
CA GLU C 161 -3.30 -19.71 -18.94
C GLU C 161 -1.87 -19.73 -18.40
N THR C 162 -0.91 -19.29 -19.21
CA THR C 162 0.51 -19.36 -18.87
C THR C 162 1.10 -17.96 -18.77
N THR C 163 1.94 -17.77 -17.76
CA THR C 163 2.59 -16.48 -17.54
C THR C 163 3.74 -16.29 -18.51
N THR C 164 4.05 -15.02 -18.78
CA THR C 164 5.27 -14.69 -19.50
C THR C 164 6.45 -14.76 -18.53
N PRO C 165 7.57 -15.39 -18.91
CA PRO C 165 8.69 -15.52 -17.97
C PRO C 165 9.03 -14.18 -17.32
N SER C 166 9.25 -14.23 -16.01
CA SER C 166 9.48 -13.04 -15.21
C SER C 166 10.71 -13.20 -14.32
N LYS C 167 11.19 -12.07 -13.82
CA LYS C 167 12.40 -12.04 -13.02
C LYS C 167 12.15 -12.51 -11.60
N GLN C 168 13.21 -12.99 -10.97
CA GLN C 168 13.21 -13.41 -9.58
C GLN C 168 14.22 -12.57 -8.82
N SER C 169 14.34 -12.83 -7.51
CA SER C 169 15.35 -12.13 -6.72
C SER C 169 16.75 -12.55 -7.14
N ASN C 170 16.96 -13.83 -7.43
CA ASN C 170 18.26 -14.38 -7.81
C ASN C 170 18.57 -14.21 -9.30
N ASN C 171 17.82 -13.37 -10.02
CA ASN C 171 18.10 -13.06 -11.42
C ASN C 171 17.95 -14.29 -12.32
N LYS C 172 17.15 -15.25 -11.90
CA LYS C 172 16.70 -16.34 -12.76
C LYS C 172 15.23 -16.14 -13.08
N TYR C 173 14.72 -16.94 -14.01
CA TYR C 173 13.38 -16.72 -14.53
C TYR C 173 12.37 -17.66 -13.88
N ALA C 174 11.13 -17.20 -13.85
CA ALA C 174 10.02 -17.96 -13.29
C ALA C 174 8.81 -17.81 -14.20
N ALA C 175 7.86 -18.71 -14.03
CA ALA C 175 6.62 -18.70 -14.81
C ALA C 175 5.63 -19.64 -14.15
N SER C 176 4.38 -19.54 -14.57
CA SER C 176 3.32 -20.37 -14.02
C SER C 176 2.30 -20.64 -15.11
N SER C 177 1.67 -21.81 -15.02
CA SER C 177 0.64 -22.22 -15.97
C SER C 177 -0.51 -22.86 -15.20
N TYR C 178 -1.71 -22.35 -15.43
CA TYR C 178 -2.91 -22.85 -14.77
C TYR C 178 -3.79 -23.53 -15.82
N LEU C 179 -4.20 -24.75 -15.52
CA LEU C 179 -5.12 -25.50 -16.36
C LEU C 179 -6.45 -25.62 -15.63
N SER C 180 -7.48 -24.94 -16.15
CA SER C 180 -8.80 -24.95 -15.53
C SER C 180 -9.60 -26.12 -16.08
N LEU C 181 -10.15 -26.93 -15.19
CA LEU C 181 -10.91 -28.12 -15.54
C LEU C 181 -12.18 -28.18 -14.72
N THR C 182 -13.14 -28.92 -15.23
CA THR C 182 -14.37 -29.25 -14.55
C THR C 182 -14.17 -30.51 -13.71
N PRO C 183 -14.82 -30.62 -12.54
CA PRO C 183 -14.70 -31.88 -11.79
C PRO C 183 -14.97 -33.11 -12.63
N GLU C 184 -15.95 -33.04 -13.54
CA GLU C 184 -16.21 -34.16 -14.44
C GLU C 184 -14.94 -34.59 -15.16
N GLN C 185 -14.18 -33.62 -15.68
CA GLN C 185 -12.95 -33.95 -16.39
C GLN C 185 -11.91 -34.54 -15.44
N TRP C 186 -11.78 -33.97 -14.25
CA TRP C 186 -10.79 -34.46 -13.29
C TRP C 186 -11.07 -35.90 -12.89
N LYS C 187 -12.35 -36.27 -12.78
CA LYS C 187 -12.70 -37.64 -12.42
C LYS C 187 -12.64 -38.59 -13.62
N SER C 188 -12.97 -38.11 -14.82
CA SER C 188 -13.04 -38.99 -15.97
C SER C 188 -11.67 -39.41 -16.48
N HIS C 189 -10.63 -38.64 -16.20
CA HIS C 189 -9.28 -38.97 -16.61
C HIS C 189 -8.53 -39.61 -15.45
N ARG C 190 -7.40 -40.24 -15.77
CA ARG C 190 -6.64 -40.99 -14.77
C ARG C 190 -5.61 -40.13 -14.05
N SER C 191 -4.94 -39.24 -14.78
CA SER C 191 -3.92 -38.40 -14.18
C SER C 191 -3.58 -37.28 -15.17
N TYR C 192 -3.09 -36.17 -14.62
CA TYR C 192 -2.67 -35.03 -15.41
C TYR C 192 -1.22 -34.69 -15.10
N SER C 193 -0.57 -34.03 -16.06
CA SER C 193 0.86 -33.81 -16.00
C SER C 193 1.21 -32.49 -16.67
N CYS C 194 2.22 -31.83 -16.13
CA CYS C 194 2.79 -30.61 -16.69
C CYS C 194 4.19 -30.93 -17.21
N GLN C 195 4.45 -30.56 -18.47
CA GLN C 195 5.72 -30.84 -19.13
C GLN C 195 6.34 -29.54 -19.61
N VAL C 196 7.50 -29.20 -19.05
CA VAL C 196 8.21 -27.96 -19.34
C VAL C 196 9.42 -28.30 -20.20
N THR C 197 9.53 -27.65 -21.36
CA THR C 197 10.66 -27.82 -22.25
C THR C 197 11.51 -26.57 -22.23
N HIS C 198 12.83 -26.76 -22.15
CA HIS C 198 13.78 -25.67 -21.99
C HIS C 198 15.10 -26.09 -22.61
N GLU C 199 15.56 -25.32 -23.61
CA GLU C 199 16.85 -25.56 -24.26
C GLU C 199 17.01 -27.01 -24.69
N GLY C 200 15.91 -27.62 -25.13
CA GLY C 200 15.94 -28.97 -25.65
C GLY C 200 15.63 -30.05 -24.62
N SER C 201 15.77 -29.76 -23.34
CA SER C 201 15.44 -30.72 -22.29
C SER C 201 13.97 -30.60 -21.92
N THR C 202 13.43 -31.65 -21.31
CA THR C 202 12.05 -31.64 -20.87
C THR C 202 11.95 -32.23 -19.48
N VAL C 203 11.07 -31.66 -18.66
CA VAL C 203 10.79 -32.13 -17.32
C VAL C 203 9.28 -32.32 -17.21
N GLU C 204 8.85 -33.52 -16.84
CA GLU C 204 7.44 -33.86 -16.74
C GLU C 204 7.11 -34.23 -15.30
N LYS C 205 5.99 -33.71 -14.80
CA LYS C 205 5.54 -34.01 -13.44
C LYS C 205 4.05 -34.28 -13.43
N THR C 206 3.65 -35.30 -12.67
CA THR C 206 2.30 -35.83 -12.69
C THR C 206 1.64 -35.68 -11.32
N VAL C 207 0.30 -35.70 -11.32
CA VAL C 207 -0.50 -35.61 -10.11
C VAL C 207 -1.48 -36.77 -10.09
N ALA C 208 -2.09 -36.99 -8.92
CA ALA C 208 -2.91 -38.16 -8.66
C ALA C 208 -4.28 -37.74 -8.15
N PRO C 209 -5.28 -38.64 -8.23
CA PRO C 209 -6.62 -38.36 -7.72
C PRO C 209 -6.69 -38.36 -6.19
N GLU D 1 10.94 14.80 -39.34
CA GLU D 1 11.05 13.39 -38.88
C GLU D 1 9.77 12.62 -39.18
N VAL D 2 9.90 11.47 -39.83
CA VAL D 2 8.77 10.61 -40.11
C VAL D 2 8.29 9.97 -38.81
N GLN D 3 6.98 9.96 -38.58
CA GLN D 3 6.47 9.52 -37.30
C GLN D 3 5.00 9.12 -37.43
N LEU D 4 4.62 8.09 -36.66
CA LEU D 4 3.24 7.65 -36.51
C LEU D 4 2.90 7.69 -35.02
N VAL D 5 1.85 8.42 -34.67
CA VAL D 5 1.42 8.59 -33.28
C VAL D 5 0.04 7.99 -33.13
N GLN D 6 -0.11 7.02 -32.24
CA GLN D 6 -1.38 6.34 -32.02
C GLN D 6 -2.09 6.90 -30.79
N SER D 7 -3.36 6.55 -30.66
CA SER D 7 -4.20 7.09 -29.60
C SER D 7 -3.99 6.30 -28.31
N GLY D 8 -4.38 6.91 -27.20
CA GLY D 8 -4.15 6.33 -25.88
C GLY D 8 -4.83 5.00 -25.70
N ALA D 9 -4.52 4.36 -24.57
CA ALA D 9 -5.06 3.05 -24.26
C ALA D 9 -6.56 3.12 -24.07
N GLU D 10 -7.23 1.98 -24.30
CA GLU D 10 -8.67 1.88 -24.24
C GLU D 10 -9.07 0.67 -23.40
N VAL D 11 -10.03 0.88 -22.50
CA VAL D 11 -10.60 -0.17 -21.67
C VAL D 11 -12.11 -0.16 -21.89
N LYS D 12 -12.62 -1.18 -22.58
CA LYS D 12 -14.02 -1.23 -22.97
C LYS D 12 -14.64 -2.54 -22.47
N LYS D 13 -15.96 -2.63 -22.62
CA LYS D 13 -16.71 -3.83 -22.25
C LYS D 13 -17.14 -4.57 -23.50
N PRO D 14 -17.40 -5.88 -23.40
CA PRO D 14 -17.87 -6.64 -24.57
C PRO D 14 -19.16 -6.05 -25.11
N GLY D 15 -19.33 -6.20 -26.42
CA GLY D 15 -20.49 -5.67 -27.11
C GLY D 15 -20.41 -4.19 -27.44
N GLU D 16 -19.47 -3.47 -26.85
CA GLU D 16 -19.31 -2.05 -27.15
C GLU D 16 -18.51 -1.87 -28.43
N SER D 17 -18.55 -0.66 -28.97
CA SER D 17 -17.81 -0.30 -30.16
C SER D 17 -16.58 0.53 -29.78
N LEU D 18 -15.59 0.53 -30.68
CA LEU D 18 -14.36 1.25 -30.43
C LEU D 18 -13.75 1.67 -31.76
N LYS D 19 -13.01 2.78 -31.73
CA LYS D 19 -12.32 3.26 -32.92
C LYS D 19 -11.02 3.93 -32.48
N ILE D 20 -9.89 3.29 -32.78
CA ILE D 20 -8.57 3.82 -32.45
C ILE D 20 -7.94 4.37 -33.71
N SER D 21 -7.06 5.35 -33.55
CA SER D 21 -6.51 6.10 -34.67
C SER D 21 -4.99 6.16 -34.62
N CYS D 22 -4.40 6.31 -35.80
CA CYS D 22 -2.97 6.47 -35.97
C CYS D 22 -2.75 7.66 -36.91
N LYS D 23 -2.06 8.69 -36.42
CA LYS D 23 -1.84 9.91 -37.20
C LYS D 23 -0.40 9.95 -37.69
N GLY D 24 -0.23 10.25 -38.98
CA GLY D 24 1.08 10.34 -39.58
C GLY D 24 1.58 11.77 -39.66
N SER D 25 2.91 11.91 -39.57
CA SER D 25 3.53 13.23 -39.66
C SER D 25 4.91 13.09 -40.28
N GLY D 26 5.30 14.09 -41.07
CA GLY D 26 6.61 14.14 -41.66
C GLY D 26 6.75 13.53 -43.04
N TYR D 27 5.66 13.01 -43.62
CA TYR D 27 5.71 12.43 -44.95
C TYR D 27 4.38 12.68 -45.64
N ARG D 28 4.32 12.35 -46.92
CA ARG D 28 3.08 12.49 -47.68
C ARG D 28 2.16 11.32 -47.31
N PHE D 29 1.11 11.62 -46.55
CA PHE D 29 0.27 10.56 -45.99
C PHE D 29 -0.44 9.73 -47.05
N PRO D 30 -0.97 10.29 -48.14
CA PRO D 30 -1.76 9.47 -49.07
C PRO D 30 -0.93 8.47 -49.86
N SER D 31 0.37 8.66 -49.97
CA SER D 31 1.21 7.90 -50.88
C SER D 31 1.91 6.71 -50.21
N SER D 32 1.40 6.24 -49.07
CA SER D 32 1.95 5.07 -48.40
C SER D 32 0.84 4.24 -47.77
N TRP D 33 0.97 2.92 -47.85
CA TRP D 33 0.06 2.05 -47.12
C TRP D 33 0.23 2.25 -45.62
N ILE D 34 -0.85 2.03 -44.88
CA ILE D 34 -0.79 1.90 -43.43
C ILE D 34 -1.47 0.58 -43.08
N GLY D 35 -0.73 -0.30 -42.39
CA GLY D 35 -1.23 -1.59 -41.99
C GLY D 35 -1.42 -1.64 -40.49
N TRP D 36 -2.34 -2.49 -40.05
CA TRP D 36 -2.62 -2.70 -38.63
C TRP D 36 -2.22 -4.12 -38.25
N VAL D 37 -1.52 -4.25 -37.13
CA VAL D 37 -1.02 -5.54 -36.65
C VAL D 37 -1.47 -5.73 -35.22
N ARG D 38 -2.00 -6.92 -34.91
CA ARG D 38 -2.46 -7.26 -33.57
C ARG D 38 -1.42 -8.11 -32.87
N GLN D 39 -1.29 -7.92 -31.56
CA GLN D 39 -0.39 -8.72 -30.74
C GLN D 39 -1.05 -9.00 -29.41
N VAL D 40 -1.48 -10.24 -29.21
CA VAL D 40 -2.04 -10.66 -27.92
C VAL D 40 -0.91 -10.71 -26.90
N PRO D 41 -1.12 -10.29 -25.65
CA PRO D 41 -0.04 -10.29 -24.67
C PRO D 41 0.72 -11.62 -24.61
N GLY D 42 2.02 -11.57 -24.86
CA GLY D 42 2.85 -12.76 -24.81
C GLY D 42 2.86 -13.59 -26.07
N LYS D 43 2.26 -13.13 -27.15
CA LYS D 43 2.18 -13.89 -28.39
C LYS D 43 2.78 -13.09 -29.53
N GLY D 44 2.73 -13.68 -30.73
CA GLY D 44 3.40 -13.11 -31.88
C GLY D 44 2.57 -12.05 -32.56
N LEU D 45 3.19 -11.41 -33.55
CA LEU D 45 2.51 -10.39 -34.35
C LEU D 45 1.57 -11.07 -35.35
N GLU D 46 0.35 -10.54 -35.44
CA GLU D 46 -0.64 -11.03 -36.39
C GLU D 46 -1.13 -9.85 -37.22
N TRP D 47 -1.03 -10.00 -38.55
CA TRP D 47 -1.49 -8.95 -39.44
C TRP D 47 -3.00 -9.04 -39.63
N MET D 48 -3.67 -7.89 -39.58
CA MET D 48 -5.12 -7.81 -39.70
C MET D 48 -5.58 -7.22 -41.03
N GLY D 49 -5.05 -6.06 -41.40
CA GLY D 49 -5.45 -5.44 -42.65
C GLY D 49 -4.52 -4.29 -42.99
N ILE D 50 -4.83 -3.66 -44.12
CA ILE D 50 -3.99 -2.57 -44.63
C ILE D 50 -4.85 -1.68 -45.51
N ILE D 51 -4.47 -0.39 -45.57
CA ILE D 51 -5.24 0.59 -46.33
C ILE D 51 -4.28 1.56 -47.00
N TYR D 52 -4.52 1.83 -48.28
CA TYR D 52 -3.85 2.89 -49.01
C TYR D 52 -4.79 4.09 -49.03
N PRO D 53 -4.44 5.19 -48.35
CA PRO D 53 -5.38 6.34 -48.29
C PRO D 53 -5.53 7.09 -49.59
N GLY D 54 -4.56 6.99 -50.52
CA GLY D 54 -4.67 7.72 -51.77
C GLY D 54 -6.00 7.51 -52.47
N ASP D 55 -6.39 6.24 -52.65
CA ASP D 55 -7.68 5.90 -53.20
C ASP D 55 -8.50 5.04 -52.25
N GLY D 56 -8.07 4.91 -50.99
CA GLY D 56 -8.84 4.19 -50.00
C GLY D 56 -8.81 2.68 -50.12
N GLU D 57 -7.84 2.12 -50.85
CA GLU D 57 -7.87 0.69 -51.12
C GLU D 57 -7.62 -0.09 -49.84
N THR D 58 -8.49 -1.05 -49.52
CA THR D 58 -8.46 -1.72 -48.24
C THR D 58 -8.44 -3.22 -48.42
N ARG D 59 -7.54 -3.90 -47.70
CA ARG D 59 -7.44 -5.35 -47.70
C ARG D 59 -7.48 -5.86 -46.27
N TYR D 60 -8.06 -7.05 -46.09
CA TYR D 60 -8.19 -7.69 -44.79
C TYR D 60 -7.74 -9.14 -44.88
N ARG D 61 -7.19 -9.64 -43.78
CA ARG D 61 -7.00 -11.07 -43.62
C ARG D 61 -8.38 -11.74 -43.57
N ALA D 62 -8.49 -12.90 -44.19
CA ALA D 62 -9.81 -13.53 -44.35
C ALA D 62 -10.50 -13.73 -43.01
N SER D 63 -9.74 -13.99 -41.94
CA SER D 63 -10.35 -14.22 -40.63
C SER D 63 -11.12 -13.00 -40.16
N PHE D 64 -10.59 -11.80 -40.39
CA PHE D 64 -11.14 -10.59 -39.81
C PHE D 64 -12.23 -9.95 -40.65
N GLN D 65 -12.56 -10.52 -41.81
CA GLN D 65 -13.61 -9.95 -42.65
C GLN D 65 -14.93 -9.89 -41.88
N GLY D 66 -15.50 -8.69 -41.81
CA GLY D 66 -16.75 -8.47 -41.11
C GLY D 66 -16.61 -8.22 -39.63
N GLN D 67 -15.42 -8.38 -39.05
CA GLN D 67 -15.22 -8.15 -37.64
C GLN D 67 -14.75 -6.75 -37.33
N VAL D 68 -13.96 -6.13 -38.21
CA VAL D 68 -13.39 -4.81 -37.98
C VAL D 68 -13.52 -3.99 -39.25
N THR D 69 -13.23 -2.69 -39.13
CA THR D 69 -13.24 -1.77 -40.25
C THR D 69 -12.00 -0.89 -40.19
N ILE D 70 -11.28 -0.82 -41.32
CA ILE D 70 -10.11 0.03 -41.46
C ILE D 70 -10.47 1.19 -42.38
N SER D 71 -10.08 2.40 -41.99
CA SER D 71 -10.42 3.58 -42.77
C SER D 71 -9.27 4.58 -42.70
N ALA D 72 -9.40 5.68 -43.45
CA ALA D 72 -8.38 6.70 -43.49
C ALA D 72 -9.00 8.03 -43.87
N ASP D 73 -8.35 9.11 -43.44
CA ASP D 73 -8.80 10.48 -43.68
C ASP D 73 -7.57 11.31 -44.05
N GLN D 74 -7.53 11.79 -45.29
CA GLN D 74 -6.37 12.52 -45.78
C GLN D 74 -6.30 13.92 -45.20
N SER D 75 -7.45 14.59 -45.07
CA SER D 75 -7.46 15.94 -44.54
C SER D 75 -6.88 16.01 -43.13
N SER D 76 -6.87 14.89 -42.40
CA SER D 76 -6.29 14.84 -41.06
C SER D 76 -5.11 13.88 -40.97
N ASN D 77 -4.69 13.28 -42.08
CA ASN D 77 -3.52 12.40 -42.10
C ASN D 77 -3.66 11.28 -41.07
N THR D 78 -4.85 10.69 -40.98
CA THR D 78 -5.14 9.76 -39.89
C THR D 78 -5.80 8.49 -40.41
N ALA D 79 -5.22 7.33 -40.06
CA ALA D 79 -5.83 6.03 -40.28
C ALA D 79 -6.57 5.57 -39.03
N TYR D 80 -7.53 4.68 -39.22
CA TYR D 80 -8.42 4.27 -38.14
C TYR D 80 -8.71 2.77 -38.24
N LEU D 81 -8.81 2.14 -37.06
CA LEU D 81 -9.26 0.75 -36.93
C LEU D 81 -10.37 0.70 -35.90
N GLN D 82 -11.51 0.11 -36.26
CA GLN D 82 -12.68 0.15 -35.39
C GLN D 82 -13.37 -1.21 -35.32
N TRP D 83 -13.85 -1.53 -34.12
CA TRP D 83 -14.68 -2.69 -33.86
C TRP D 83 -16.12 -2.25 -33.61
N SER D 84 -17.06 -3.03 -34.13
CA SER D 84 -18.48 -2.76 -33.90
C SER D 84 -18.96 -3.36 -32.58
N SER D 85 -18.63 -4.62 -32.33
CA SER D 85 -19.01 -5.33 -31.10
C SER D 85 -17.76 -6.01 -30.56
N LEU D 86 -17.11 -5.37 -29.59
CA LEU D 86 -15.89 -5.90 -29.01
C LEU D 86 -16.15 -7.23 -28.30
N LYS D 87 -15.14 -8.09 -28.31
CA LYS D 87 -15.16 -9.36 -27.60
C LYS D 87 -13.86 -9.51 -26.82
N ALA D 88 -13.91 -10.35 -25.78
CA ALA D 88 -12.74 -10.53 -24.92
C ALA D 88 -11.50 -10.87 -25.74
N SER D 89 -11.66 -11.72 -26.75
CA SER D 89 -10.53 -12.14 -27.57
C SER D 89 -9.86 -10.97 -28.30
N ASP D 90 -10.51 -9.80 -28.35
CA ASP D 90 -9.91 -8.63 -28.98
C ASP D 90 -8.92 -7.92 -28.08
N THR D 91 -8.81 -8.34 -26.82
CA THR D 91 -7.82 -7.74 -25.92
C THR D 91 -6.42 -7.97 -26.47
N ALA D 92 -5.72 -6.89 -26.80
CA ALA D 92 -4.39 -7.00 -27.39
C ALA D 92 -3.81 -5.62 -27.59
N MET D 93 -2.52 -5.59 -27.94
CA MET D 93 -1.88 -4.39 -28.43
C MET D 93 -2.11 -4.30 -29.94
N TYR D 94 -2.25 -3.07 -30.44
CA TYR D 94 -2.49 -2.85 -31.86
C TYR D 94 -1.52 -1.80 -32.36
N TYR D 95 -0.75 -2.15 -33.40
CA TYR D 95 0.24 -1.26 -33.98
C TYR D 95 -0.18 -0.84 -35.38
N CYS D 96 0.09 0.41 -35.72
CA CYS D 96 0.01 0.89 -37.10
C CYS D 96 1.42 1.00 -37.66
N ALA D 97 1.55 0.73 -38.97
CA ALA D 97 2.87 0.73 -39.58
C ALA D 97 2.78 1.17 -41.04
N ARG D 98 3.73 2.02 -41.45
CA ARG D 98 3.79 2.51 -42.82
C ARG D 98 4.50 1.50 -43.72
N HIS D 99 3.93 1.25 -44.88
CA HIS D 99 4.47 0.28 -45.84
C HIS D 99 4.51 0.91 -47.21
N GLY D 100 5.61 0.68 -47.93
CA GLY D 100 5.80 1.29 -49.23
C GLY D 100 4.77 0.87 -50.25
N ARG D 101 4.66 1.66 -51.32
CA ARG D 101 3.67 1.45 -52.36
C ARG D 101 4.22 0.68 -53.56
N GLY D 102 5.27 -0.11 -53.38
CA GLY D 102 5.81 -0.90 -54.47
C GLY D 102 6.67 -0.14 -55.44
N VAL D 103 7.57 0.70 -54.93
CA VAL D 103 8.46 1.49 -55.78
C VAL D 103 9.84 1.52 -55.15
N ARG D 104 10.87 1.62 -56.00
CA ARG D 104 12.25 1.49 -55.52
C ARG D 104 12.66 2.71 -54.69
N GLU D 105 12.06 3.86 -54.93
CA GLU D 105 12.41 5.07 -54.20
C GLU D 105 11.99 5.02 -52.73
N VAL D 106 11.24 3.99 -52.32
CA VAL D 106 10.80 3.88 -50.93
C VAL D 106 11.06 2.45 -50.44
N ILE D 107 11.04 2.29 -49.12
CA ILE D 107 11.22 0.98 -48.51
C ILE D 107 9.88 0.24 -48.56
N ASN D 108 9.85 -0.89 -49.24
CA ASN D 108 8.62 -1.67 -49.39
C ASN D 108 8.47 -2.66 -48.24
N ALA D 109 8.36 -2.10 -47.05
CA ALA D 109 8.21 -2.88 -45.83
C ALA D 109 7.67 -1.96 -44.75
N PHE D 110 7.31 -2.56 -43.61
CA PHE D 110 6.83 -1.78 -42.46
C PHE D 110 8.03 -1.08 -41.83
N ASP D 111 8.45 0.02 -42.45
CA ASP D 111 9.66 0.71 -42.04
C ASP D 111 9.44 1.62 -40.84
N ILE D 112 8.19 2.01 -40.57
CA ILE D 112 7.86 2.87 -39.44
C ILE D 112 6.68 2.24 -38.71
N TRP D 113 6.74 2.30 -37.37
CA TRP D 113 5.69 1.74 -36.53
C TRP D 113 5.28 2.78 -35.49
N GLY D 114 3.98 2.88 -35.24
CA GLY D 114 3.50 3.65 -34.12
C GLY D 114 3.86 2.98 -32.80
N GLN D 115 3.67 3.73 -31.71
CA GLN D 115 4.01 3.21 -30.39
C GLN D 115 3.02 2.15 -29.92
N GLY D 116 1.87 2.05 -30.56
CA GLY D 116 0.91 1.02 -30.22
C GLY D 116 -0.18 1.53 -29.31
N THR D 117 -1.35 0.90 -29.40
CA THR D 117 -2.50 1.21 -28.56
C THR D 117 -2.97 -0.08 -27.90
N MET D 118 -3.04 -0.07 -26.57
CA MET D 118 -3.51 -1.22 -25.82
C MET D 118 -5.03 -1.18 -25.74
N VAL D 119 -5.68 -2.28 -26.13
CA VAL D 119 -7.13 -2.39 -26.12
C VAL D 119 -7.48 -3.55 -25.21
N THR D 120 -8.22 -3.27 -24.15
CA THR D 120 -8.60 -4.28 -23.17
C THR D 120 -10.12 -4.40 -23.15
N VAL D 121 -10.61 -5.57 -23.55
CA VAL D 121 -12.04 -5.86 -23.64
C VAL D 121 -12.35 -6.90 -22.58
N SER D 122 -12.94 -6.47 -21.47
CA SER D 122 -13.30 -7.37 -20.39
C SER D 122 -14.56 -6.87 -19.71
N SER D 123 -15.46 -7.80 -19.38
CA SER D 123 -16.63 -7.50 -18.57
C SER D 123 -16.38 -7.72 -17.08
N ALA D 124 -15.14 -7.62 -16.64
CA ALA D 124 -14.80 -7.90 -15.25
C ALA D 124 -15.06 -6.68 -14.38
N SER D 125 -15.66 -6.92 -13.23
CA SER D 125 -15.89 -5.90 -12.21
C SER D 125 -15.08 -6.27 -10.97
N THR D 126 -14.93 -5.30 -10.07
CA THR D 126 -14.17 -5.54 -8.85
C THR D 126 -14.69 -6.79 -8.15
N LYS D 127 -13.78 -7.71 -7.87
CA LYS D 127 -14.15 -8.99 -7.27
C LYS D 127 -13.04 -9.44 -6.32
N GLY D 128 -13.45 -10.11 -5.24
CA GLY D 128 -12.50 -10.62 -4.29
C GLY D 128 -11.96 -11.97 -4.69
N PRO D 129 -10.75 -12.30 -4.25
CA PRO D 129 -10.16 -13.59 -4.61
C PRO D 129 -10.80 -14.73 -3.84
N SER D 130 -10.51 -15.94 -4.30
CA SER D 130 -10.76 -17.17 -3.56
C SER D 130 -9.42 -17.80 -3.25
N VAL D 131 -9.18 -18.10 -1.97
CA VAL D 131 -7.90 -18.62 -1.52
C VAL D 131 -8.05 -20.11 -1.26
N PHE D 132 -7.28 -20.91 -2.00
CA PHE D 132 -7.32 -22.35 -1.87
C PHE D 132 -5.98 -22.89 -1.37
N PRO D 133 -5.98 -23.93 -0.53
CA PRO D 133 -4.71 -24.45 -0.01
C PRO D 133 -4.10 -25.50 -0.94
N LEU D 134 -2.89 -25.22 -1.43
CA LEU D 134 -2.12 -26.18 -2.21
C LEU D 134 -1.26 -27.00 -1.25
N ALA D 135 -1.76 -28.18 -0.87
CA ALA D 135 -1.13 -29.01 0.14
C ALA D 135 0.08 -29.76 -0.43
N PRO D 136 1.10 -30.03 0.41
CA PRO D 136 2.29 -30.75 -0.04
C PRO D 136 2.04 -32.25 -0.25
N THR D 145 12.65 -31.75 2.20
CA THR D 145 12.07 -30.42 2.06
C THR D 145 10.82 -30.52 1.19
N ALA D 146 9.72 -29.90 1.64
CA ALA D 146 8.45 -29.97 0.95
C ALA D 146 7.93 -28.57 0.64
N ALA D 147 7.21 -28.47 -0.48
CA ALA D 147 6.65 -27.20 -0.94
C ALA D 147 5.13 -27.22 -0.74
N LEU D 148 4.60 -26.12 -0.20
CA LEU D 148 3.17 -25.94 -0.02
C LEU D 148 2.84 -24.50 -0.34
N GLY D 149 1.57 -24.23 -0.63
CA GLY D 149 1.25 -22.88 -1.07
C GLY D 149 -0.22 -22.54 -1.02
N CYS D 150 -0.54 -21.39 -1.61
CA CYS D 150 -1.90 -20.88 -1.69
C CYS D 150 -2.19 -20.40 -3.10
N LEU D 151 -3.41 -20.66 -3.57
CA LEU D 151 -3.89 -20.24 -4.87
C LEU D 151 -4.90 -19.12 -4.69
N VAL D 152 -4.58 -17.93 -5.17
CA VAL D 152 -5.46 -16.77 -5.13
C VAL D 152 -6.10 -16.67 -6.51
N LYS D 153 -7.36 -17.08 -6.61
CA LYS D 153 -8.02 -17.29 -7.89
C LYS D 153 -9.15 -16.28 -8.08
N ASP D 154 -9.24 -15.74 -9.30
CA ASP D 154 -10.36 -14.93 -9.76
C ASP D 154 -10.53 -13.68 -8.89
N TYR D 155 -9.58 -12.75 -9.05
CA TYR D 155 -9.63 -11.46 -8.38
C TYR D 155 -9.38 -10.35 -9.39
N PHE D 156 -9.96 -9.19 -9.11
CA PHE D 156 -9.79 -8.01 -9.96
C PHE D 156 -10.10 -6.78 -9.15
N PRO D 157 -9.34 -5.68 -9.30
CA PRO D 157 -8.13 -5.54 -10.11
C PRO D 157 -6.89 -5.87 -9.31
N GLU D 158 -5.71 -5.59 -9.86
CA GLU D 158 -4.51 -5.64 -9.06
C GLU D 158 -4.41 -4.38 -8.20
N PRO D 159 -3.57 -4.40 -7.16
CA PRO D 159 -2.78 -5.54 -6.68
C PRO D 159 -3.40 -6.24 -5.49
N VAL D 160 -2.96 -7.47 -5.25
CA VAL D 160 -3.27 -8.19 -4.01
C VAL D 160 -1.95 -8.41 -3.28
N THR D 161 -2.01 -8.41 -1.96
CA THR D 161 -0.83 -8.66 -1.14
C THR D 161 -0.92 -10.05 -0.54
N VAL D 162 0.22 -10.74 -0.47
CA VAL D 162 0.29 -12.07 0.11
C VAL D 162 1.48 -12.13 1.05
N SER D 163 1.26 -12.70 2.23
CA SER D 163 2.33 -12.97 3.18
C SER D 163 2.11 -14.37 3.75
N TRP D 164 3.01 -14.80 4.62
CA TRP D 164 2.91 -16.10 5.26
C TRP D 164 3.13 -15.95 6.75
N ASN D 165 2.19 -16.44 7.55
CA ASN D 165 2.26 -16.35 9.00
C ASN D 165 2.40 -14.88 9.44
N SER D 166 1.58 -14.03 8.84
CA SER D 166 1.54 -12.60 9.17
C SER D 166 2.91 -11.95 9.01
N GLY D 167 3.65 -12.35 7.99
CA GLY D 167 4.94 -11.76 7.68
C GLY D 167 6.10 -12.39 8.42
N ALA D 168 5.86 -13.43 9.22
CA ALA D 168 6.96 -14.09 9.92
C ALA D 168 7.84 -14.87 8.95
N LEU D 169 7.21 -15.53 7.98
CA LEU D 169 7.91 -16.43 7.07
C LEU D 169 8.35 -15.65 5.84
N THR D 170 9.66 -15.43 5.72
CA THR D 170 10.25 -14.79 4.55
C THR D 170 11.08 -15.77 3.71
N SER D 171 11.85 -16.62 4.38
CA SER D 171 12.74 -17.54 3.66
C SER D 171 11.92 -18.59 2.92
N GLY D 172 12.42 -18.97 1.74
CA GLY D 172 11.78 -19.98 0.94
C GLY D 172 10.44 -19.60 0.34
N VAL D 173 10.00 -18.37 0.51
CA VAL D 173 8.72 -17.92 -0.01
C VAL D 173 8.94 -17.29 -1.37
N HIS D 174 8.16 -17.73 -2.36
CA HIS D 174 8.18 -17.16 -3.70
C HIS D 174 6.74 -16.97 -4.15
N THR D 175 6.38 -15.74 -4.50
CA THR D 175 5.05 -15.42 -4.97
C THR D 175 5.16 -15.11 -6.46
N PHE D 176 4.48 -15.90 -7.28
CA PHE D 176 4.60 -15.78 -8.72
C PHE D 176 3.77 -14.61 -9.23
N PRO D 177 4.18 -13.98 -10.32
CA PRO D 177 3.34 -12.94 -10.93
C PRO D 177 1.97 -13.48 -11.30
N ALA D 178 1.03 -12.56 -11.46
CA ALA D 178 -0.35 -12.91 -11.75
C ALA D 178 -0.53 -13.18 -13.23
N VAL D 179 -1.51 -14.01 -13.55
CA VAL D 179 -1.89 -14.28 -14.93
C VAL D 179 -3.22 -13.59 -15.20
N LEU D 180 -3.35 -13.00 -16.37
CA LEU D 180 -4.59 -12.36 -16.79
C LEU D 180 -5.34 -13.42 -17.61
N GLN D 181 -6.31 -14.07 -16.96
CA GLN D 181 -7.11 -15.07 -17.64
C GLN D 181 -7.96 -14.41 -18.73
N SER D 182 -8.58 -15.24 -19.56
CA SER D 182 -9.43 -14.72 -20.62
C SER D 182 -10.62 -13.96 -20.03
N SER D 183 -10.99 -14.24 -18.78
CA SER D 183 -12.09 -13.55 -18.12
C SER D 183 -11.72 -12.15 -17.66
N GLY D 184 -10.50 -11.69 -17.91
CA GLY D 184 -10.05 -10.41 -17.40
C GLY D 184 -9.72 -10.40 -15.93
N LEU D 185 -9.88 -11.52 -15.24
CA LEU D 185 -9.57 -11.60 -13.82
C LEU D 185 -8.15 -12.08 -13.61
N TYR D 186 -7.55 -11.64 -12.52
CA TYR D 186 -6.19 -12.02 -12.19
C TYR D 186 -6.20 -13.23 -11.25
N SER D 187 -5.17 -14.05 -11.39
CA SER D 187 -4.97 -15.19 -10.50
C SER D 187 -3.48 -15.37 -10.30
N LEU D 188 -3.09 -15.78 -9.11
CA LEU D 188 -1.69 -16.04 -8.83
C LEU D 188 -1.57 -17.13 -7.77
N SER D 189 -0.33 -17.53 -7.50
CA SER D 189 -0.05 -18.53 -6.48
C SER D 189 1.19 -18.11 -5.72
N SER D 190 1.20 -18.43 -4.42
CA SER D 190 2.37 -18.26 -3.58
C SER D 190 2.81 -19.60 -3.05
N VAL D 191 4.10 -19.88 -3.10
CA VAL D 191 4.64 -21.16 -2.66
C VAL D 191 5.72 -20.90 -1.62
N VAL D 192 5.88 -21.86 -0.72
CA VAL D 192 6.93 -21.83 0.28
C VAL D 192 7.51 -23.24 0.40
N THR D 193 8.83 -23.33 0.43
CA THR D 193 9.54 -24.58 0.64
C THR D 193 10.05 -24.60 2.08
N VAL D 194 9.72 -25.66 2.81
CA VAL D 194 9.98 -25.72 4.25
C VAL D 194 10.54 -27.10 4.59
N PRO D 195 11.23 -27.20 5.73
CA PRO D 195 11.69 -28.51 6.18
C PRO D 195 10.56 -29.52 6.22
N SER D 196 10.74 -30.64 5.51
CA SER D 196 9.66 -31.62 5.39
C SER D 196 9.28 -32.20 6.74
N SER D 197 10.25 -32.38 7.63
CA SER D 197 9.98 -32.97 8.94
C SER D 197 9.17 -32.06 9.85
N SER D 198 9.10 -30.77 9.54
CA SER D 198 8.44 -29.80 10.42
C SER D 198 6.94 -29.69 10.20
N LEU D 199 6.38 -30.37 9.19
CA LEU D 199 4.95 -30.26 8.95
C LEU D 199 4.12 -30.70 10.15
N GLY D 200 4.67 -31.55 11.01
CA GLY D 200 3.92 -31.96 12.19
C GLY D 200 3.85 -30.89 13.24
N THR D 201 4.94 -30.14 13.43
CA THR D 201 5.01 -29.13 14.48
C THR D 201 4.54 -27.76 14.00
N GLN D 202 5.05 -27.31 12.86
CA GLN D 202 4.78 -25.96 12.38
C GLN D 202 3.51 -25.93 11.55
N THR D 203 2.69 -24.89 11.77
CA THR D 203 1.50 -24.63 10.99
C THR D 203 1.78 -23.48 10.03
N TYR D 204 1.28 -23.60 8.81
CA TYR D 204 1.54 -22.63 7.76
C TYR D 204 0.24 -21.98 7.34
N ILE D 205 0.23 -20.64 7.30
CA ILE D 205 -0.95 -19.87 6.96
C ILE D 205 -0.54 -18.78 5.99
N CYS D 206 -1.30 -18.64 4.90
CA CYS D 206 -1.08 -17.57 3.94
C CYS D 206 -2.11 -16.47 4.16
N ASN D 207 -1.64 -15.23 4.18
CA ASN D 207 -2.48 -14.06 4.42
C ASN D 207 -2.61 -13.28 3.13
N VAL D 208 -3.82 -13.28 2.55
CA VAL D 208 -4.09 -12.62 1.28
C VAL D 208 -5.00 -11.43 1.54
N ASN D 209 -4.65 -10.28 0.99
CA ASN D 209 -5.44 -9.06 1.16
C ASN D 209 -5.66 -8.41 -0.20
N HIS D 210 -6.93 -8.31 -0.59
CA HIS D 210 -7.38 -7.60 -1.79
C HIS D 210 -8.24 -6.44 -1.30
N LYS D 211 -7.65 -5.24 -1.28
CA LYS D 211 -8.34 -4.09 -0.69
C LYS D 211 -9.54 -3.64 -1.53
N PRO D 212 -9.42 -3.49 -2.85
CA PRO D 212 -10.59 -3.03 -3.64
C PRO D 212 -11.87 -3.79 -3.38
N SER D 213 -11.78 -5.10 -3.14
CA SER D 213 -12.96 -5.94 -2.92
C SER D 213 -13.29 -6.12 -1.45
N ASN D 214 -12.52 -5.51 -0.56
CA ASN D 214 -12.72 -5.63 0.88
C ASN D 214 -12.57 -7.09 1.32
N THR D 215 -11.48 -7.71 0.87
CA THR D 215 -11.23 -9.12 1.18
C THR D 215 -9.91 -9.23 1.95
N LYS D 216 -9.97 -9.81 3.14
CA LYS D 216 -8.76 -10.15 3.89
C LYS D 216 -8.96 -11.56 4.43
N VAL D 217 -8.15 -12.50 3.95
CA VAL D 217 -8.31 -13.91 4.26
C VAL D 217 -7.00 -14.47 4.80
N ASP D 218 -7.11 -15.39 5.75
CA ASP D 218 -5.96 -16.10 6.30
C ASP D 218 -6.27 -17.59 6.19
N LYS D 219 -5.56 -18.28 5.32
CA LYS D 219 -5.87 -19.66 4.97
C LYS D 219 -4.78 -20.59 5.49
N LYS D 220 -5.20 -21.63 6.20
CA LYS D 220 -4.29 -22.62 6.75
C LYS D 220 -4.03 -23.71 5.72
N VAL D 221 -2.76 -24.09 5.55
CA VAL D 221 -2.35 -25.12 4.61
C VAL D 221 -1.80 -26.28 5.40
N GLU D 222 -2.42 -27.45 5.24
CA GLU D 222 -2.00 -28.66 5.94
C GLU D 222 -2.12 -29.83 4.98
N PRO D 223 -1.35 -30.90 5.19
CA PRO D 223 -1.45 -32.05 4.27
C PRO D 223 -2.81 -32.70 4.34
N LYS D 224 -3.32 -33.11 3.18
CA LYS D 224 -4.61 -33.76 3.08
C LYS D 224 -4.50 -35.28 3.24
N ARG E 3 13.86 -12.65 -65.19
CA ARG E 3 12.77 -12.20 -64.33
C ARG E 3 13.30 -11.43 -63.12
N ASP E 4 12.49 -10.46 -62.67
CA ASP E 4 12.88 -9.53 -61.61
C ASP E 4 12.07 -9.87 -60.36
N LYS E 5 12.74 -10.47 -59.37
CA LYS E 5 12.06 -10.89 -58.15
C LYS E 5 11.46 -9.70 -57.41
N LYS E 6 12.19 -8.59 -57.34
CA LYS E 6 11.72 -7.43 -56.58
C LYS E 6 10.42 -6.89 -57.16
N GLN E 7 10.36 -6.73 -58.48
CA GLN E 7 9.17 -6.18 -59.09
C GLN E 7 8.00 -7.16 -59.00
N LYS E 8 8.27 -8.45 -59.16
CA LYS E 8 7.21 -9.44 -58.97
C LYS E 8 6.62 -9.34 -57.57
N ALA E 9 7.47 -9.12 -56.57
CA ALA E 9 6.98 -8.97 -55.21
C ALA E 9 6.19 -7.68 -55.04
N TYR E 10 6.75 -6.56 -55.51
CA TYR E 10 6.08 -5.27 -55.35
C TYR E 10 4.71 -5.28 -56.03
N ALA E 11 4.56 -6.05 -57.11
CA ALA E 11 3.30 -6.04 -57.85
C ALA E 11 2.12 -6.39 -56.99
N LEU E 12 2.31 -7.23 -55.96
CA LEU E 12 1.18 -7.63 -55.12
C LEU E 12 0.56 -6.45 -54.40
N PHE E 13 1.34 -5.40 -54.11
CA PHE E 13 0.86 -4.28 -53.30
C PHE E 13 1.22 -2.94 -53.93
N TYR E 14 1.37 -2.89 -55.24
CA TYR E 14 1.67 -1.62 -55.89
C TYR E 14 0.45 -0.71 -55.89
N ARG E 15 0.71 0.59 -55.70
CA ARG E 15 -0.31 1.62 -55.83
C ARG E 15 0.34 2.83 -56.49
N PRO E 16 -0.37 3.55 -57.34
CA PRO E 16 0.18 4.77 -57.94
C PRO E 16 0.17 5.92 -56.94
N ASP E 17 0.91 6.98 -57.30
CA ASP E 17 1.06 8.14 -56.44
C ASP E 17 -0.15 9.06 -56.63
N VAL E 18 -1.22 8.74 -55.92
CA VAL E 18 -2.45 9.52 -55.95
C VAL E 18 -2.72 10.05 -54.55
N VAL E 19 -3.37 11.21 -54.48
CA VAL E 19 -3.76 11.79 -53.21
C VAL E 19 -5.22 12.21 -53.24
N ARG F 3 25.43 -10.46 44.74
CA ARG F 3 24.32 -9.57 45.04
C ARG F 3 23.06 -10.00 44.28
N ASP F 4 21.90 -9.81 44.90
CA ASP F 4 20.63 -10.25 44.33
C ASP F 4 19.85 -9.01 43.89
N LYS F 5 19.79 -8.79 42.57
CA LYS F 5 19.12 -7.61 42.04
C LYS F 5 17.65 -7.59 42.42
N LYS F 6 16.98 -8.74 42.34
CA LYS F 6 15.54 -8.78 42.59
C LYS F 6 15.21 -8.37 44.02
N GLN F 7 15.93 -8.94 44.99
CA GLN F 7 15.65 -8.60 46.39
C GLN F 7 16.07 -7.16 46.71
N LYS F 8 17.19 -6.72 46.13
CA LYS F 8 17.59 -5.32 46.28
C LYS F 8 16.48 -4.39 45.81
N ALA F 9 15.81 -4.75 44.70
CA ALA F 9 14.70 -3.94 44.21
C ALA F 9 13.51 -4.04 45.15
N TYR F 10 13.14 -5.26 45.54
CA TYR F 10 11.97 -5.46 46.40
C TYR F 10 12.11 -4.71 47.71
N ALA F 11 13.35 -4.55 48.21
CA ALA F 11 13.55 -3.92 49.51
C ALA F 11 12.94 -2.52 49.57
N LEU F 12 12.90 -1.82 48.45
CA LEU F 12 12.37 -0.46 48.47
C LEU F 12 10.90 -0.42 48.88
N PHE F 13 10.15 -1.50 48.61
CA PHE F 13 8.71 -1.50 48.85
C PHE F 13 8.25 -2.78 49.55
N TYR F 14 9.11 -3.42 50.33
CA TYR F 14 8.69 -4.61 51.06
C TYR F 14 7.75 -4.26 52.21
N ARG F 15 6.74 -5.10 52.41
CA ARG F 15 5.85 -5.02 53.55
C ARG F 15 5.50 -6.44 54.00
N PRO F 16 5.32 -6.66 55.30
CA PRO F 16 4.90 -7.98 55.77
C PRO F 16 3.42 -8.23 55.52
N ASP F 17 3.03 -9.50 55.67
CA ASP F 17 1.66 -9.94 55.45
C ASP F 17 0.86 -9.63 56.72
N VAL F 18 0.37 -8.40 56.81
CA VAL F 18 -0.38 -7.91 57.96
C VAL F 18 -1.79 -7.54 57.51
N VAL F 19 -2.72 -7.58 58.45
CA VAL F 19 -4.10 -7.19 58.19
C VAL F 19 -4.54 -6.13 59.20
#